data_7XSG
#
_entry.id   7XSG
#
_cell.length_a   73.132
_cell.length_b   123.405
_cell.length_c   166.605
_cell.angle_alpha   90.000
_cell.angle_beta   90.000
_cell.angle_gamma   90.000
#
_symmetry.space_group_name_H-M   'P 21 21 21'
#
loop_
_entity.id
_entity.type
_entity.pdbx_description
1 polymer Alpha-L-fucosidase
2 non-polymer 'SODIUM ION'
3 non-polymer GLYCEROL
4 non-polymer 'CITRIC ACID'
5 non-polymer DI(HYDROXYETHYL)ETHER
6 water water
#
_entity_poly.entity_id   1
_entity_poly.type   'polypeptide(L)'
_entity_poly.pdbx_seq_one_letter_code
;MGSSHHHHHHSSGLVPRGSHMQENKEKDRTPSSKHLTDNILQPKRSSDFMAFKYEYSTVDLYREFSESIMDKARSEVEIL
ESVNRQGRYKPNVESLKLHEVPEWFEDAKLGIFLDWGPWSVPGYAPLKGAEASTGGSYPDWYEFLMDNLYKEYHDEVWGA
DFRRDDFLPLLTGENFNSEEYMLLAVNSGAKYFVPFTKHHAGWTMWESEFTKRNAVEMGPGRDIYKELIEAGKKYDMKMG
FYFSVSEWEYPVIVDQNLSQWDPVKNLAIFQDALGQIPRATPLASYFPALHDRMISGKIPVKDYFADYMIPSFKEAVDKY
DPDLVWYDGGWGSPVSISRTMETSAYFYNQAEGKKDVVINNRAGSSLSEDDLIKVRDLMDSGKRDEAMKIYLSGQQLGDY
GTPEFTIGDVDIQSKWEVCRSISPAFGYNWQDDEASSLSGEELIKLFVDIVANNGNLLLVISPDGSGKLPDIQKDRLLEL
GDWMKVNAESIHNTRPWKVQKENDKFFTKSKDGKSLFVHCTNWPGENLIINTPIEEGIKGIKLLGSDINLQFTKASNGNL
EIPIPKDFQNNPSLISKYVWTFKIDLN
;
_entity_poly.pdbx_strand_id   A,B
#
# COMPACT_ATOMS: atom_id res chain seq x y z
N LYS A 34 -19.99 41.13 33.95
CA LYS A 34 -19.01 41.29 32.85
C LYS A 34 -18.68 39.90 32.28
N HIS A 35 -18.03 39.06 33.09
CA HIS A 35 -17.75 37.68 32.72
C HIS A 35 -18.18 36.69 33.80
N LEU A 36 -18.21 37.09 35.08
CA LEU A 36 -18.58 36.19 36.15
C LEU A 36 -20.10 36.19 36.27
N THR A 37 -20.70 35.01 36.07
CA THR A 37 -22.15 34.84 36.18
C THR A 37 -22.45 34.12 37.49
N ASP A 38 -23.74 33.98 37.83
CA ASP A 38 -24.16 33.11 38.92
C ASP A 38 -24.72 31.81 38.33
N ASN A 39 -24.37 31.53 37.07
CA ASN A 39 -24.78 30.31 36.37
C ASN A 39 -23.91 29.15 36.88
N ILE A 40 -24.58 28.13 37.43
CA ILE A 40 -23.95 26.94 37.99
C ILE A 40 -23.11 26.22 36.93
N LEU A 41 -23.47 26.35 35.64
CA LEU A 41 -22.76 25.69 34.55
C LEU A 41 -21.37 26.29 34.34
N GLN A 42 -21.17 27.55 34.76
CA GLN A 42 -19.89 28.22 34.52
C GLN A 42 -18.87 27.73 35.53
N PRO A 43 -17.77 27.07 35.08
CA PRO A 43 -16.70 26.73 36.02
C PRO A 43 -16.04 28.01 36.55
N LYS A 44 -15.75 28.05 37.85
CA LYS A 44 -15.20 29.24 38.46
C LYS A 44 -14.39 28.87 39.70
N ARG A 45 -13.63 29.85 40.17
CA ARG A 45 -12.76 29.68 41.33
C ARG A 45 -13.54 29.10 42.51
N SER A 46 -12.96 28.08 43.13
CA SER A 46 -13.50 27.49 44.34
C SER A 46 -13.20 28.38 45.55
N SER A 47 -14.11 28.36 46.55
CA SER A 47 -13.87 29.12 47.77
C SER A 47 -12.70 28.54 48.57
N ASP A 48 -12.32 27.29 48.29
CA ASP A 48 -11.25 26.62 49.00
C ASP A 48 -9.93 26.61 48.21
N PHE A 49 -9.81 27.48 47.18
CA PHE A 49 -8.62 27.52 46.32
C PHE A 49 -7.34 27.77 47.12
N MET A 50 -6.33 26.93 46.88
N MET A 50 -6.34 26.93 46.87
CA MET A 50 -4.98 27.14 47.36
CA MET A 50 -4.99 27.12 47.36
C MET A 50 -4.03 26.81 46.21
C MET A 50 -4.02 26.80 46.21
N ALA A 51 -2.94 27.57 46.11
CA ALA A 51 -1.95 27.39 45.04
C ALA A 51 -1.47 25.94 44.97
N PHE A 52 -1.34 25.42 43.74
CA PHE A 52 -0.79 24.10 43.51
C PHE A 52 0.71 24.22 43.31
N LYS A 53 1.47 23.78 44.32
CA LYS A 53 2.92 23.80 44.29
C LYS A 53 3.36 22.35 44.27
N TYR A 54 3.65 21.86 43.06
CA TYR A 54 3.98 20.46 42.90
C TYR A 54 5.17 20.09 43.77
N GLU A 55 5.17 18.83 44.22
CA GLU A 55 6.21 18.24 45.08
C GLU A 55 7.62 18.61 44.63
N TYR A 56 7.83 18.65 43.29
CA TYR A 56 9.10 19.06 42.72
C TYR A 56 8.92 20.40 42.01
N SER A 57 9.71 21.40 42.41
CA SER A 57 9.84 22.63 41.63
C SER A 57 10.61 22.33 40.34
N THR A 58 10.62 23.30 39.43
CA THR A 58 11.45 23.16 38.22
C THR A 58 12.91 22.95 38.59
N VAL A 59 13.44 23.71 39.57
CA VAL A 59 14.80 23.55 40.00
C VAL A 59 15.02 22.16 40.63
N ASP A 60 14.05 21.66 41.40
CA ASP A 60 14.16 20.32 41.96
C ASP A 60 14.30 19.29 40.84
N LEU A 61 13.48 19.45 39.79
CA LEU A 61 13.53 18.51 38.68
C LEU A 61 14.89 18.57 37.96
N TYR A 62 15.44 19.77 37.78
CA TYR A 62 16.77 19.96 37.26
C TYR A 62 17.80 19.17 38.09
N ARG A 63 17.75 19.36 39.41
CA ARG A 63 18.75 18.77 40.30
C ARG A 63 18.62 17.25 40.35
N GLU A 64 17.38 16.73 40.32
CA GLU A 64 17.11 15.35 40.68
C GLU A 64 16.89 14.45 39.47
N PHE A 65 16.40 14.99 38.33
CA PHE A 65 15.96 14.15 37.21
C PHE A 65 16.58 14.48 35.86
N SER A 66 17.11 15.70 35.65
CA SER A 66 17.55 16.09 34.31
C SER A 66 18.60 15.13 33.73
N GLU A 67 19.64 14.82 34.52
CA GLU A 67 20.74 14.00 34.03
C GLU A 67 20.21 12.61 33.71
N SER A 68 19.39 12.05 34.60
CA SER A 68 18.80 10.74 34.40
C SER A 68 18.02 10.67 33.08
N ILE A 69 17.15 11.67 32.85
CA ILE A 69 16.32 11.70 31.65
C ILE A 69 17.17 11.86 30.39
N MET A 70 18.20 12.70 30.42
CA MET A 70 19.00 12.96 29.24
C MET A 70 19.81 11.70 28.92
N ASP A 71 20.25 11.00 29.96
CA ASP A 71 20.94 9.72 29.76
C ASP A 71 20.02 8.70 29.08
N LYS A 72 18.79 8.59 29.56
CA LYS A 72 17.81 7.66 29.01
C LYS A 72 17.49 8.05 27.56
N ALA A 73 17.29 9.37 27.36
CA ALA A 73 16.97 9.89 26.03
C ALA A 73 18.06 9.53 25.03
N ARG A 74 19.33 9.66 25.40
CA ARG A 74 20.41 9.43 24.45
C ARG A 74 20.37 7.98 23.99
N SER A 75 20.09 7.05 24.91
CA SER A 75 20.07 5.64 24.55
C SER A 75 18.87 5.33 23.66
N GLU A 76 17.72 5.97 23.95
CA GLU A 76 16.52 5.74 23.16
C GLU A 76 16.68 6.34 21.75
N VAL A 77 17.29 7.52 21.63
CA VAL A 77 17.48 8.16 20.33
C VAL A 77 18.45 7.32 19.49
N GLU A 78 19.50 6.76 20.12
CA GLU A 78 20.40 5.87 19.40
C GLU A 78 19.66 4.67 18.79
N ILE A 79 18.76 4.06 19.56
CA ILE A 79 17.96 2.93 19.10
C ILE A 79 17.07 3.35 17.94
N LEU A 80 16.40 4.50 18.08
CA LEU A 80 15.54 4.99 17.00
C LEU A 80 16.34 5.25 15.72
N GLU A 81 17.51 5.86 15.85
CA GLU A 81 18.34 6.19 14.70
C GLU A 81 18.82 4.90 14.03
N SER A 82 19.15 3.88 14.82
CA SER A 82 19.55 2.58 14.28
C SER A 82 18.40 1.91 13.51
N VAL A 83 17.17 1.96 14.06
CA VAL A 83 16.01 1.43 13.37
C VAL A 83 15.88 2.11 12.01
N ASN A 84 16.06 3.43 11.96
CA ASN A 84 15.89 4.13 10.70
C ASN A 84 17.05 3.82 9.74
N ARG A 85 18.27 3.67 10.25
CA ARG A 85 19.42 3.36 9.41
C ARG A 85 19.21 2.01 8.72
N GLN A 86 18.59 1.05 9.42
CA GLN A 86 18.41 -0.30 8.91
C GLN A 86 17.07 -0.46 8.19
N GLY A 87 16.13 0.50 8.35
CA GLY A 87 14.77 0.32 7.90
C GLY A 87 14.51 0.76 6.45
N ARG A 88 13.32 0.43 5.99
CA ARG A 88 12.86 0.82 4.67
C ARG A 88 12.70 2.33 4.56
N TYR A 89 12.23 2.95 5.64
CA TYR A 89 11.95 4.38 5.62
C TYR A 89 13.09 5.15 6.26
N LYS A 90 13.60 6.14 5.51
CA LYS A 90 14.63 7.04 5.99
C LYS A 90 13.97 8.38 6.30
N PRO A 91 14.60 9.19 7.19
CA PRO A 91 14.03 10.50 7.54
C PRO A 91 14.29 11.57 6.48
N ASN A 92 13.64 11.40 5.31
CA ASN A 92 13.69 12.40 4.27
C ASN A 92 12.39 12.35 3.49
N VAL A 93 12.05 13.47 2.83
CA VAL A 93 10.75 13.62 2.21
C VAL A 93 10.54 12.52 1.16
N GLU A 94 11.54 12.24 0.33
CA GLU A 94 11.36 11.30 -0.78
C GLU A 94 11.12 9.88 -0.29
N SER A 95 11.83 9.45 0.76
CA SER A 95 11.62 8.13 1.33
C SER A 95 10.23 8.01 1.96
N LEU A 96 9.84 9.01 2.75
CA LEU A 96 8.57 8.95 3.46
C LEU A 96 7.39 9.03 2.49
N LYS A 97 7.58 9.68 1.34
CA LYS A 97 6.53 9.82 0.33
C LYS A 97 6.09 8.47 -0.23
N LEU A 98 6.97 7.46 -0.19
CA LEU A 98 6.65 6.13 -0.71
C LEU A 98 5.66 5.39 0.17
N HIS A 99 5.46 5.86 1.42
CA HIS A 99 4.44 5.27 2.26
C HIS A 99 3.06 5.63 1.69
N GLU A 100 2.10 4.69 1.74
CA GLU A 100 0.76 4.86 1.18
C GLU A 100 -0.30 4.99 2.29
N VAL A 101 -1.39 5.73 1.99
CA VAL A 101 -2.56 5.76 2.84
C VAL A 101 -3.09 4.34 2.98
N PRO A 102 -3.31 3.82 4.20
CA PRO A 102 -3.87 2.47 4.33
C PRO A 102 -5.33 2.42 3.86
N GLU A 103 -5.70 1.25 3.33
CA GLU A 103 -7.10 0.97 3.02
C GLU A 103 -8.04 1.33 4.16
N TRP A 104 -7.70 0.98 5.40
CA TRP A 104 -8.64 1.19 6.49
C TRP A 104 -8.98 2.68 6.64
N PHE A 105 -8.00 3.55 6.39
CA PHE A 105 -8.20 4.99 6.56
C PHE A 105 -9.03 5.57 5.41
N GLU A 106 -8.83 5.09 4.18
CA GLU A 106 -9.68 5.45 3.06
C GLU A 106 -11.12 5.09 3.41
N ASP A 107 -11.27 3.90 3.99
CA ASP A 107 -12.57 3.28 4.20
C ASP A 107 -13.31 3.84 5.43
N ALA A 108 -12.62 4.44 6.40
CA ALA A 108 -13.15 4.70 7.74
C ALA A 108 -14.27 5.75 7.74
N LYS A 109 -13.98 6.88 7.07
CA LYS A 109 -14.87 8.02 6.88
C LYS A 109 -15.13 8.85 8.12
N LEU A 110 -15.22 8.24 9.30
CA LEU A 110 -15.54 8.94 10.55
C LEU A 110 -14.58 8.51 11.65
N GLY A 111 -13.95 9.51 12.30
CA GLY A 111 -13.25 9.28 13.54
C GLY A 111 -13.75 10.18 14.68
N ILE A 112 -13.40 9.84 15.91
CA ILE A 112 -13.72 10.66 17.08
C ILE A 112 -12.40 11.24 17.63
N PHE A 113 -12.40 12.55 17.87
CA PHE A 113 -11.24 13.31 18.33
C PHE A 113 -11.52 13.78 19.75
N LEU A 114 -10.87 13.21 20.75
CA LEU A 114 -11.21 13.49 22.14
C LEU A 114 -10.38 14.67 22.63
N ASP A 115 -11.02 15.85 22.62
CA ASP A 115 -10.36 17.10 23.03
C ASP A 115 -10.61 17.30 24.52
N TRP A 116 -9.71 16.76 25.34
CA TRP A 116 -9.81 16.76 26.79
C TRP A 116 -8.43 16.99 27.37
N GLY A 117 -8.34 17.93 28.33
CA GLY A 117 -7.10 18.27 28.98
C GLY A 117 -7.35 19.36 30.01
N PRO A 118 -6.30 19.96 30.60
CA PRO A 118 -6.50 20.92 31.70
C PRO A 118 -7.42 22.09 31.33
N TRP A 119 -7.41 22.49 30.06
CA TRP A 119 -8.25 23.56 29.52
C TRP A 119 -9.74 23.24 29.68
N SER A 120 -10.06 21.95 29.82
CA SER A 120 -11.45 21.52 29.93
C SER A 120 -12.07 22.04 31.21
N VAL A 121 -11.25 22.34 32.21
CA VAL A 121 -11.71 22.81 33.51
C VAL A 121 -12.35 24.18 33.35
N PRO A 122 -11.67 25.25 32.87
CA PRO A 122 -12.37 26.53 32.70
C PRO A 122 -13.44 26.50 31.60
N GLY A 123 -13.23 25.69 30.55
CA GLY A 123 -14.22 25.47 29.52
C GLY A 123 -14.71 26.75 28.83
N TYR A 124 -13.77 27.63 28.41
CA TYR A 124 -14.18 28.94 27.92
C TYR A 124 -13.45 29.38 26.65
N ALA A 125 -14.23 29.87 25.70
CA ALA A 125 -13.83 30.84 24.70
C ALA A 125 -15.03 31.74 24.49
N PRO A 126 -14.85 32.95 23.95
CA PRO A 126 -16.01 33.73 23.50
C PRO A 126 -16.84 32.92 22.49
N LEU A 127 -18.17 32.99 22.61
CA LEU A 127 -19.03 32.39 21.58
C LEU A 127 -18.75 32.97 20.21
N LYS A 128 -18.44 34.28 20.15
CA LYS A 128 -18.15 34.95 18.89
C LYS A 128 -17.00 35.94 19.08
N GLY A 129 -16.27 36.19 18.00
CA GLY A 129 -15.34 37.31 17.90
C GLY A 129 -13.89 36.95 18.20
N ALA A 130 -13.61 35.71 18.62
CA ALA A 130 -12.26 35.27 18.96
C ALA A 130 -11.85 34.09 18.07
N GLU A 131 -12.46 34.01 16.88
CA GLU A 131 -12.16 32.95 15.93
C GLU A 131 -10.72 33.10 15.43
N ALA A 132 -10.05 31.95 15.24
CA ALA A 132 -8.78 31.90 14.53
C ALA A 132 -9.00 31.96 13.01
N SER A 133 -7.90 31.89 12.25
CA SER A 133 -7.95 31.94 10.80
C SER A 133 -8.70 30.73 10.22
N THR A 134 -8.83 29.65 11.01
CA THR A 134 -9.60 28.46 10.63
C THR A 134 -11.11 28.69 10.65
N GLY A 135 -11.59 29.75 11.36
CA GLY A 135 -13.00 29.91 11.66
C GLY A 135 -13.43 29.27 12.98
N GLY A 136 -12.57 28.43 13.57
CA GLY A 136 -12.89 27.85 14.85
C GLY A 136 -12.60 28.80 16.01
N SER A 137 -13.16 28.52 17.17
CA SER A 137 -12.70 29.11 18.41
C SER A 137 -12.06 28.04 19.28
N TYR A 138 -11.23 28.47 20.23
CA TYR A 138 -10.30 27.58 20.91
C TYR A 138 -10.35 27.75 22.41
N PRO A 139 -11.37 27.18 23.08
CA PRO A 139 -11.27 26.91 24.51
C PRO A 139 -10.00 26.13 24.85
N ASP A 140 -9.51 25.27 23.93
CA ASP A 140 -8.36 24.45 24.25
C ASP A 140 -7.04 25.23 24.12
N TRP A 141 -7.09 26.54 23.84
CA TRP A 141 -5.92 27.41 23.99
C TRP A 141 -5.97 28.24 25.27
N TYR A 142 -6.93 27.98 26.16
CA TYR A 142 -7.09 28.77 27.38
C TYR A 142 -5.81 28.85 28.22
N GLU A 143 -5.03 27.76 28.33
CA GLU A 143 -3.84 27.79 29.16
C GLU A 143 -2.85 28.86 28.70
N PHE A 144 -2.83 29.15 27.40
CA PHE A 144 -1.95 30.17 26.82
C PHE A 144 -2.65 31.53 26.81
N LEU A 145 -3.90 31.57 26.30
CA LEU A 145 -4.63 32.81 26.07
C LEU A 145 -5.12 33.45 27.38
N MET A 146 -5.11 32.74 28.51
CA MET A 146 -5.48 33.30 29.81
C MET A 146 -4.60 34.50 30.20
N ASP A 147 -3.40 34.61 29.59
CA ASP A 147 -2.47 35.69 29.91
C ASP A 147 -2.63 36.88 28.96
N ASN A 148 -3.53 36.81 27.98
CA ASN A 148 -3.61 37.85 26.97
C ASN A 148 -5.07 38.00 26.49
N LEU A 149 -5.46 37.24 25.46
CA LEU A 149 -6.78 37.39 24.84
C LEU A 149 -7.92 37.12 25.81
N TYR A 150 -7.78 36.14 26.70
CA TYR A 150 -8.82 35.77 27.65
C TYR A 150 -8.52 36.29 29.06
N LYS A 151 -7.62 37.28 29.21
CA LYS A 151 -7.15 37.67 30.53
C LYS A 151 -8.25 38.34 31.36
N GLU A 152 -9.10 39.15 30.73
CA GLU A 152 -10.19 39.81 31.45
C GLU A 152 -11.13 38.76 32.05
N TYR A 153 -11.53 37.78 31.22
CA TYR A 153 -12.34 36.68 31.72
C TYR A 153 -11.63 35.98 32.87
N HIS A 154 -10.36 35.58 32.65
CA HIS A 154 -9.67 34.81 33.66
C HIS A 154 -9.62 35.57 34.98
N ASP A 155 -9.26 36.85 34.93
CA ASP A 155 -9.07 37.66 36.12
C ASP A 155 -10.39 37.79 36.92
N GLU A 156 -11.52 37.79 36.22
CA GLU A 156 -12.82 37.97 36.85
C GLU A 156 -13.40 36.67 37.40
N VAL A 157 -13.10 35.54 36.74
CA VAL A 157 -13.78 34.27 37.01
C VAL A 157 -12.91 33.34 37.86
N TRP A 158 -11.60 33.38 37.65
CA TRP A 158 -10.63 32.52 38.30
C TRP A 158 -9.72 33.30 39.25
N GLY A 159 -9.26 34.48 38.82
CA GLY A 159 -8.39 35.33 39.63
C GLY A 159 -6.99 35.44 39.04
N ALA A 160 -6.37 36.64 39.14
CA ALA A 160 -5.04 36.87 38.60
C ALA A 160 -3.98 36.01 39.30
N ASP A 161 -4.29 35.58 40.52
CA ASP A 161 -3.40 34.77 41.33
C ASP A 161 -3.56 33.28 41.00
N PHE A 162 -4.56 32.93 40.17
CA PHE A 162 -4.81 31.56 39.77
C PHE A 162 -4.02 31.33 38.48
N ARG A 163 -3.02 30.42 38.55
N ARG A 163 -3.03 30.42 38.55
CA ARG A 163 -2.09 30.23 37.45
CA ARG A 163 -2.09 30.22 37.45
C ARG A 163 -2.52 29.03 36.60
C ARG A 163 -2.52 29.03 36.60
N ARG A 164 -1.90 28.88 35.42
CA ARG A 164 -2.22 27.80 34.50
C ARG A 164 -2.30 26.44 35.22
N ASP A 165 -1.30 26.15 36.05
CA ASP A 165 -1.15 24.82 36.64
C ASP A 165 -2.18 24.58 37.75
N ASP A 166 -2.87 25.64 38.21
CA ASP A 166 -3.93 25.43 39.19
C ASP A 166 -5.13 24.71 38.57
N PHE A 167 -5.21 24.61 37.24
CA PHE A 167 -6.25 23.80 36.61
C PHE A 167 -5.92 22.30 36.69
N LEU A 168 -4.66 21.92 36.88
CA LEU A 168 -4.29 20.48 36.81
C LEU A 168 -5.02 19.68 37.91
N PRO A 169 -5.02 20.08 39.20
CA PRO A 169 -5.72 19.28 40.22
C PRO A 169 -7.23 19.22 40.03
N LEU A 170 -7.79 20.15 39.25
CA LEU A 170 -9.23 20.21 39.01
C LEU A 170 -9.66 19.30 37.85
N LEU A 171 -8.69 18.74 37.12
CA LEU A 171 -8.96 17.83 36.02
C LEU A 171 -9.12 16.43 36.63
N THR A 172 -10.27 16.21 37.28
CA THR A 172 -10.40 15.08 38.19
C THR A 172 -10.64 13.75 37.45
N GLY A 173 -11.31 13.82 36.29
CA GLY A 173 -11.69 12.63 35.54
C GLY A 173 -12.67 11.73 36.31
N GLU A 174 -13.33 12.25 37.34
CA GLU A 174 -14.21 11.42 38.17
C GLU A 174 -15.39 10.89 37.35
N ASN A 175 -15.75 11.58 36.26
CA ASN A 175 -16.81 11.17 35.36
C ASN A 175 -16.29 10.66 34.02
N PHE A 176 -14.99 10.40 33.91
CA PHE A 176 -14.40 9.95 32.66
C PHE A 176 -14.27 8.41 32.69
N ASN A 177 -15.06 7.75 31.84
CA ASN A 177 -15.03 6.30 31.72
C ASN A 177 -14.57 5.96 30.30
N SER A 178 -13.35 5.43 30.19
CA SER A 178 -12.69 5.21 28.92
C SER A 178 -13.49 4.23 28.03
N GLU A 179 -13.96 3.14 28.65
CA GLU A 179 -14.72 2.17 27.89
C GLU A 179 -16.03 2.76 27.40
N GLU A 180 -16.72 3.57 28.22
CA GLU A 180 -17.94 4.20 27.75
C GLU A 180 -17.69 5.17 26.62
N TYR A 181 -16.57 5.93 26.66
CA TYR A 181 -16.24 6.80 25.54
C TYR A 181 -16.02 5.98 24.27
N MET A 182 -15.34 4.84 24.40
CA MET A 182 -15.05 4.00 23.25
C MET A 182 -16.36 3.41 22.71
N LEU A 183 -17.28 3.01 23.60
CA LEU A 183 -18.58 2.47 23.18
C LEU A 183 -19.42 3.55 22.50
N LEU A 184 -19.36 4.79 23.02
CA LEU A 184 -20.02 5.92 22.35
C LEU A 184 -19.50 6.09 20.93
N ALA A 185 -18.16 6.01 20.74
CA ALA A 185 -17.57 6.16 19.42
C ALA A 185 -17.99 5.00 18.51
N VAL A 186 -17.95 3.75 19.02
CA VAL A 186 -18.35 2.60 18.23
C VAL A 186 -19.79 2.79 17.76
N ASN A 187 -20.67 3.14 18.73
CA ASN A 187 -22.10 3.27 18.45
C ASN A 187 -22.38 4.40 17.45
N SER A 188 -21.47 5.41 17.37
CA SER A 188 -21.64 6.53 16.47
C SER A 188 -21.37 6.17 15.00
N GLY A 189 -20.68 5.05 14.77
CA GLY A 189 -20.29 4.67 13.43
C GLY A 189 -18.81 4.99 13.12
N ALA A 190 -18.08 5.46 14.14
CA ALA A 190 -16.68 5.83 13.94
C ALA A 190 -15.81 4.58 13.83
N LYS A 191 -14.69 4.74 13.12
CA LYS A 191 -13.77 3.63 12.84
C LYS A 191 -12.37 3.94 13.37
N TYR A 192 -12.12 5.16 13.84
CA TYR A 192 -10.90 5.46 14.59
C TYR A 192 -11.18 6.45 15.71
N PHE A 193 -10.33 6.42 16.72
CA PHE A 193 -10.46 7.24 17.92
C PHE A 193 -9.09 7.84 18.23
N VAL A 194 -9.05 9.18 18.30
CA VAL A 194 -7.80 9.91 18.47
C VAL A 194 -7.93 10.72 19.75
N PRO A 195 -7.36 10.27 20.88
CA PRO A 195 -7.33 11.09 22.10
C PRO A 195 -6.28 12.19 21.94
N PHE A 196 -6.51 13.38 22.54
CA PHE A 196 -5.49 14.43 22.60
C PHE A 196 -4.39 14.00 23.58
N THR A 197 -3.51 13.07 23.14
CA THR A 197 -2.54 12.48 24.05
C THR A 197 -1.58 13.50 24.63
N LYS A 198 -1.15 14.49 23.84
CA LYS A 198 -0.32 15.55 24.39
C LYS A 198 -0.48 16.82 23.55
N HIS A 199 -1.10 17.83 24.17
CA HIS A 199 -1.35 19.12 23.58
C HIS A 199 -0.22 20.11 23.93
N HIS A 200 -0.46 21.40 23.67
CA HIS A 200 0.64 22.37 23.56
C HIS A 200 1.31 22.72 24.88
N ALA A 201 0.63 22.54 26.02
CA ALA A 201 1.25 22.81 27.31
C ALA A 201 1.96 21.56 27.86
N GLY A 202 1.85 20.43 27.16
CA GLY A 202 2.74 19.32 27.46
C GLY A 202 2.22 18.29 28.48
N TRP A 203 0.96 18.37 28.91
CA TRP A 203 0.40 17.35 29.79
C TRP A 203 0.15 16.08 28.98
N THR A 204 0.73 14.95 29.42
CA THR A 204 0.59 13.71 28.69
C THR A 204 -0.55 12.87 29.28
N MET A 205 -1.39 12.33 28.41
CA MET A 205 -2.46 11.44 28.84
C MET A 205 -1.90 10.09 29.26
N TRP A 206 -0.65 9.77 28.85
CA TRP A 206 -0.02 8.52 29.24
C TRP A 206 0.97 8.76 30.36
N GLU A 207 1.31 7.69 31.09
CA GLU A 207 2.30 7.77 32.13
C GLU A 207 3.66 7.67 31.45
N SER A 208 4.35 8.81 31.35
CA SER A 208 5.62 8.91 30.69
C SER A 208 6.77 8.93 31.68
N GLU A 209 7.89 8.29 31.32
CA GLU A 209 9.12 8.38 32.08
C GLU A 209 9.86 9.70 31.80
N PHE A 210 9.37 10.52 30.84
CA PHE A 210 10.13 11.69 30.39
C PHE A 210 9.52 13.00 30.91
N THR A 211 8.41 12.92 31.65
CA THR A 211 7.78 14.10 32.24
C THR A 211 6.95 13.66 33.45
N LYS A 212 6.85 14.56 34.44
CA LYS A 212 5.94 14.34 35.55
C LYS A 212 4.63 15.09 35.32
N ARG A 213 4.54 15.85 34.21
CA ARG A 213 3.29 16.47 33.79
C ARG A 213 2.48 15.46 32.99
N ASN A 214 1.99 14.43 33.71
CA ASN A 214 1.28 13.32 33.11
C ASN A 214 0.04 13.01 33.95
N ALA A 215 -0.87 12.23 33.34
CA ALA A 215 -2.20 12.00 33.87
C ALA A 215 -2.18 11.20 35.19
N VAL A 216 -1.09 10.47 35.46
CA VAL A 216 -0.97 9.73 36.71
C VAL A 216 -0.56 10.65 37.85
N GLU A 217 0.38 11.56 37.59
CA GLU A 217 0.91 12.44 38.62
C GLU A 217 0.03 13.66 38.84
N MET A 218 -0.71 14.06 37.81
CA MET A 218 -1.42 15.34 37.83
C MET A 218 -2.77 15.20 37.14
N GLY A 219 -3.81 15.56 37.89
CA GLY A 219 -5.15 15.51 37.37
C GLY A 219 -5.87 14.24 37.81
N PRO A 220 -6.20 13.33 36.87
CA PRO A 220 -7.07 12.19 37.20
C PRO A 220 -6.41 11.03 37.93
N GLY A 221 -5.09 10.99 37.98
CA GLY A 221 -4.38 9.95 38.72
C GLY A 221 -4.45 8.58 38.05
N ARG A 222 -4.56 8.59 36.72
CA ARG A 222 -4.75 7.39 35.91
C ARG A 222 -3.99 7.54 34.60
N ASP A 223 -3.56 6.40 34.03
CA ASP A 223 -3.02 6.40 32.67
C ASP A 223 -4.22 6.36 31.73
N ILE A 224 -4.74 7.56 31.41
CA ILE A 224 -5.93 7.67 30.59
C ILE A 224 -5.69 7.05 29.22
N TYR A 225 -4.51 7.27 28.63
CA TYR A 225 -4.26 6.73 27.31
C TYR A 225 -4.25 5.20 27.33
N LYS A 226 -3.60 4.61 28.33
CA LYS A 226 -3.58 3.15 28.48
C LYS A 226 -5.02 2.64 28.52
N GLU A 227 -5.88 3.30 29.32
CA GLU A 227 -7.27 2.86 29.43
C GLU A 227 -7.95 2.93 28.07
N LEU A 228 -7.74 4.02 27.30
CA LEU A 228 -8.39 4.17 26.03
C LEU A 228 -7.86 3.15 24.99
N ILE A 229 -6.55 2.89 25.03
CA ILE A 229 -5.92 1.93 24.13
C ILE A 229 -6.51 0.53 24.39
N GLU A 230 -6.66 0.19 25.68
N GLU A 230 -6.66 0.19 25.67
CA GLU A 230 -7.19 -1.12 26.07
CA GLU A 230 -7.18 -1.12 26.03
C GLU A 230 -8.64 -1.23 25.60
C GLU A 230 -8.65 -1.24 25.60
N ALA A 231 -9.42 -0.16 25.79
CA ALA A 231 -10.80 -0.14 25.34
C ALA A 231 -10.85 -0.29 23.82
N GLY A 232 -9.96 0.41 23.09
CA GLY A 232 -9.92 0.31 21.65
C GLY A 232 -9.66 -1.13 21.18
N LYS A 233 -8.79 -1.85 21.88
CA LYS A 233 -8.49 -3.24 21.53
C LYS A 233 -9.76 -4.09 21.73
N LYS A 234 -10.45 -3.88 22.85
CA LYS A 234 -11.62 -4.69 23.19
C LYS A 234 -12.75 -4.46 22.17
N TYR A 235 -12.91 -3.23 21.65
CA TYR A 235 -13.96 -2.93 20.69
C TYR A 235 -13.48 -2.86 19.22
N ASP A 236 -12.24 -3.29 18.96
CA ASP A 236 -11.70 -3.37 17.62
C ASP A 236 -11.74 -2.01 16.91
N MET A 237 -11.27 -0.97 17.61
CA MET A 237 -11.24 0.39 17.11
C MET A 237 -9.80 0.80 16.82
N LYS A 238 -9.55 1.40 15.64
CA LYS A 238 -8.23 1.95 15.32
C LYS A 238 -7.96 3.13 16.26
N MET A 239 -6.72 3.23 16.73
CA MET A 239 -6.38 4.20 17.79
C MET A 239 -5.33 5.17 17.26
N GLY A 240 -5.59 6.46 17.50
CA GLY A 240 -4.62 7.48 17.16
C GLY A 240 -3.77 7.91 18.34
N PHE A 241 -2.70 8.63 17.99
CA PHE A 241 -1.77 9.28 18.90
C PHE A 241 -1.62 10.73 18.42
N TYR A 242 -2.28 11.65 19.12
CA TYR A 242 -2.18 13.09 18.89
C TYR A 242 -0.97 13.61 19.68
N PHE A 243 -0.10 14.36 18.99
CA PHE A 243 1.15 14.74 19.60
C PHE A 243 1.60 16.13 19.14
N SER A 244 1.61 17.09 20.09
CA SER A 244 2.11 18.42 19.81
C SER A 244 3.64 18.37 19.75
N VAL A 245 4.20 18.68 18.58
CA VAL A 245 5.64 18.60 18.35
C VAL A 245 6.37 19.55 19.30
N SER A 246 5.97 20.82 19.26
CA SER A 246 6.46 21.86 20.15
C SER A 246 5.49 22.05 21.31
N GLU A 247 5.99 22.70 22.36
CA GLU A 247 5.18 23.15 23.49
C GLU A 247 5.35 24.66 23.64
N TRP A 248 4.39 25.31 24.29
CA TRP A 248 4.45 26.77 24.41
C TRP A 248 5.70 27.22 25.12
N GLU A 249 6.07 26.55 26.23
CA GLU A 249 7.26 26.88 27.01
C GLU A 249 7.86 25.58 27.51
N TYR A 250 9.19 25.52 27.60
CA TYR A 250 9.86 24.35 28.11
C TYR A 250 11.14 24.79 28.80
N PRO A 251 11.40 24.33 30.05
CA PRO A 251 12.64 24.73 30.74
C PRO A 251 13.86 24.01 30.16
N VAL A 252 14.88 24.78 29.78
CA VAL A 252 16.06 24.18 29.17
C VAL A 252 17.33 24.62 29.91
N ILE A 253 18.33 23.75 29.81
CA ILE A 253 19.62 23.91 30.46
C ILE A 253 20.54 24.62 29.48
N VAL A 254 21.14 25.73 29.92
CA VAL A 254 21.98 26.56 29.09
C VAL A 254 23.33 26.84 29.77
N ASP A 255 24.35 27.09 28.94
CA ASP A 255 25.68 27.43 29.42
C ASP A 255 25.72 28.84 29.99
N GLN A 256 25.19 29.80 29.21
CA GLN A 256 25.21 31.22 29.54
C GLN A 256 23.79 31.65 29.88
N ASN A 257 23.64 32.52 30.89
CA ASN A 257 22.35 33.13 31.17
C ASN A 257 22.08 34.27 30.19
N LEU A 258 20.87 34.84 30.24
N LEU A 258 20.88 34.84 30.25
CA LEU A 258 20.38 35.67 29.15
CA LEU A 258 20.39 35.68 29.16
C LEU A 258 20.36 37.15 29.52
C LEU A 258 20.34 37.16 29.52
N SER A 259 20.42 37.47 30.82
CA SER A 259 20.33 38.85 31.26
C SER A 259 20.94 38.97 32.64
N GLN A 260 21.26 40.21 33.01
CA GLN A 260 21.76 40.54 34.34
C GLN A 260 20.69 40.32 35.42
N TRP A 261 19.42 40.12 35.05
CA TRP A 261 18.34 39.94 36.00
C TRP A 261 18.05 38.46 36.30
N ASP A 262 18.62 37.53 35.52
CA ASP A 262 18.27 36.12 35.65
C ASP A 262 18.58 35.62 37.05
N PRO A 263 17.59 35.08 37.80
CA PRO A 263 17.87 34.62 39.17
C PRO A 263 18.46 33.22 39.32
N VAL A 264 18.35 32.38 38.28
CA VAL A 264 18.73 30.97 38.40
C VAL A 264 19.73 30.63 37.31
N LYS A 265 20.95 30.24 37.73
CA LYS A 265 22.01 29.96 36.79
C LYS A 265 21.66 28.70 35.97
N ASN A 266 21.94 28.80 34.66
CA ASN A 266 21.92 27.68 33.72
C ASN A 266 20.53 27.18 33.33
N LEU A 267 19.44 27.86 33.72
CA LEU A 267 18.12 27.53 33.21
C LEU A 267 17.54 28.74 32.47
N ALA A 268 16.82 28.42 31.38
CA ALA A 268 16.12 29.38 30.56
C ALA A 268 14.84 28.70 30.05
N ILE A 269 14.01 29.45 29.31
CA ILE A 269 12.76 28.93 28.79
C ILE A 269 12.83 28.93 27.26
N PHE A 270 12.70 27.73 26.67
CA PHE A 270 12.67 27.56 25.23
C PHE A 270 11.28 27.90 24.70
N GLN A 271 11.25 28.76 23.66
CA GLN A 271 10.04 29.17 22.95
C GLN A 271 10.36 29.19 21.47
N ASP A 272 9.45 28.67 20.65
CA ASP A 272 9.56 28.77 19.21
C ASP A 272 8.32 29.49 18.68
N ALA A 273 7.92 29.20 17.43
CA ALA A 273 6.81 29.94 16.83
C ALA A 273 5.44 29.38 17.23
N LEU A 274 5.38 28.38 18.12
CA LEU A 274 4.14 27.69 18.41
C LEU A 274 3.04 28.68 18.87
N GLY A 275 3.40 29.66 19.70
CA GLY A 275 2.42 30.55 20.30
C GLY A 275 1.79 31.55 19.31
N GLN A 276 2.40 31.73 18.14
CA GLN A 276 1.89 32.52 17.02
C GLN A 276 2.10 34.02 17.28
N ILE A 277 1.71 34.50 18.45
CA ILE A 277 2.00 35.87 18.82
C ILE A 277 3.51 36.03 18.90
N PRO A 278 4.06 37.23 18.61
CA PRO A 278 5.49 37.47 18.81
C PRO A 278 5.92 37.22 20.24
N ARG A 279 7.06 36.52 20.39
CA ARG A 279 7.63 36.21 21.70
C ARG A 279 9.16 36.26 21.60
N ALA A 280 9.83 36.19 22.75
CA ALA A 280 11.27 35.96 22.76
C ALA A 280 11.56 34.56 22.24
N THR A 281 12.39 34.47 21.19
CA THR A 281 12.80 33.17 20.65
C THR A 281 14.28 33.26 20.30
N PRO A 282 15.06 32.17 20.46
CA PRO A 282 14.58 30.90 21.00
C PRO A 282 14.47 30.77 22.51
N LEU A 283 14.96 31.78 23.25
CA LEU A 283 15.04 31.67 24.71
C LEU A 283 14.48 32.91 25.39
N ALA A 284 13.70 32.66 26.43
CA ALA A 284 13.30 33.69 27.38
C ALA A 284 14.03 33.46 28.69
N SER A 285 14.30 34.54 29.41
CA SER A 285 14.84 34.43 30.76
C SER A 285 13.84 33.69 31.66
N TYR A 286 14.36 32.76 32.47
CA TYR A 286 13.58 31.96 33.40
C TYR A 286 13.47 32.63 34.77
N PHE A 287 12.23 32.83 35.20
CA PHE A 287 11.92 33.41 36.50
C PHE A 287 10.96 32.48 37.22
N PRO A 288 11.39 31.80 38.29
CA PRO A 288 10.51 30.84 38.95
C PRO A 288 9.11 31.35 39.29
N ALA A 289 9.00 32.60 39.78
CA ALA A 289 7.71 33.11 40.24
C ALA A 289 6.75 33.37 39.10
N LEU A 290 7.28 33.49 37.87
CA LEU A 290 6.49 33.62 36.67
C LEU A 290 6.22 32.23 36.07
N HIS A 291 7.30 31.45 35.87
CA HIS A 291 7.23 30.27 35.02
C HIS A 291 6.82 28.98 35.74
N ASP A 292 7.22 28.80 37.02
CA ASP A 292 7.06 27.47 37.62
C ASP A 292 5.62 26.96 37.54
N ARG A 293 4.63 27.84 37.78
CA ARG A 293 3.23 27.44 37.84
C ARG A 293 2.58 27.49 36.44
N MET A 294 3.42 27.44 35.38
CA MET A 294 3.00 27.27 34.00
C MET A 294 3.58 25.95 33.43
N ILE A 295 4.61 25.39 34.07
CA ILE A 295 5.40 24.29 33.53
C ILE A 295 5.58 23.16 34.57
N SER A 296 4.70 23.04 35.56
CA SER A 296 4.86 22.01 36.60
C SER A 296 5.06 20.64 35.93
N GLY A 297 6.05 19.92 36.44
CA GLY A 297 6.29 18.55 36.03
C GLY A 297 7.30 18.39 34.89
N LYS A 298 7.60 19.46 34.16
CA LYS A 298 8.49 19.32 33.02
C LYS A 298 9.95 19.35 33.46
N ILE A 299 10.69 18.31 33.07
CA ILE A 299 12.06 18.12 33.49
C ILE A 299 13.01 18.86 32.55
N PRO A 300 13.82 19.82 33.04
CA PRO A 300 14.74 20.54 32.15
C PRO A 300 15.68 19.61 31.39
N VAL A 301 15.91 19.95 30.12
CA VAL A 301 16.90 19.25 29.29
C VAL A 301 17.69 20.29 28.50
N LYS A 302 18.79 19.86 27.88
CA LYS A 302 19.60 20.74 27.05
C LYS A 302 18.96 20.95 25.67
N ASP A 303 18.41 19.87 25.09
CA ASP A 303 17.89 19.89 23.73
C ASP A 303 16.44 19.40 23.76
N TYR A 304 15.48 20.34 23.64
CA TYR A 304 14.08 19.97 23.74
C TYR A 304 13.75 18.79 22.81
N PHE A 305 14.25 18.85 21.57
CA PHE A 305 13.84 17.88 20.56
C PHE A 305 14.53 16.53 20.80
N ALA A 306 15.87 16.53 20.99
CA ALA A 306 16.59 15.27 21.13
C ALA A 306 16.39 14.61 22.48
N ASP A 307 16.28 15.40 23.56
CA ASP A 307 16.31 14.88 24.92
C ASP A 307 14.90 14.63 25.48
N TYR A 308 13.85 15.10 24.77
CA TYR A 308 12.50 15.03 25.30
C TYR A 308 11.49 14.66 24.22
N MET A 309 11.43 15.41 23.11
N MET A 309 11.44 15.40 23.11
CA MET A 309 10.36 15.20 22.15
CA MET A 309 10.36 15.19 22.15
C MET A 309 10.51 13.82 21.48
C MET A 309 10.51 13.82 21.49
N ILE A 310 11.69 13.52 20.93
CA ILE A 310 11.90 12.26 20.23
C ILE A 310 11.70 11.08 21.18
N PRO A 311 12.36 11.00 22.36
CA PRO A 311 12.16 9.81 23.19
C PRO A 311 10.74 9.64 23.73
N SER A 312 10.03 10.76 23.96
N SER A 312 10.03 10.77 23.96
CA SER A 312 8.67 10.62 24.46
CA SER A 312 8.65 10.73 24.41
C SER A 312 7.73 10.13 23.35
C SER A 312 7.75 10.12 23.34
N PHE A 313 7.95 10.57 22.10
CA PHE A 313 7.25 10.03 20.94
C PHE A 313 7.49 8.53 20.85
N LYS A 314 8.77 8.14 20.91
CA LYS A 314 9.16 6.74 20.78
C LYS A 314 8.50 5.89 21.88
N GLU A 315 8.49 6.42 23.11
CA GLU A 315 7.94 5.73 24.26
C GLU A 315 6.48 5.39 24.01
N ALA A 316 5.69 6.40 23.61
CA ALA A 316 4.26 6.20 23.41
C ALA A 316 4.00 5.22 22.26
N VAL A 317 4.76 5.32 21.16
CA VAL A 317 4.58 4.41 20.04
C VAL A 317 4.89 2.97 20.49
N ASP A 318 6.00 2.80 21.20
CA ASP A 318 6.42 1.45 21.60
C ASP A 318 5.44 0.83 22.59
N LYS A 319 4.95 1.64 23.53
CA LYS A 319 4.11 1.12 24.59
C LYS A 319 2.69 0.86 24.11
N TYR A 320 2.12 1.73 23.26
CA TYR A 320 0.70 1.71 22.95
C TYR A 320 0.37 1.27 21.53
N ASP A 321 1.36 1.24 20.63
CA ASP A 321 1.21 0.69 19.29
C ASP A 321 0.03 1.33 18.56
N PRO A 322 -0.03 2.68 18.44
CA PRO A 322 -1.16 3.31 17.75
C PRO A 322 -1.16 3.03 16.24
N ASP A 323 -2.35 3.14 15.66
CA ASP A 323 -2.55 2.94 14.22
C ASP A 323 -2.30 4.20 13.41
N LEU A 324 -2.33 5.36 14.11
CA LEU A 324 -2.34 6.64 13.43
C LEU A 324 -1.57 7.64 14.31
N VAL A 325 -0.70 8.45 13.68
CA VAL A 325 -0.07 9.59 14.34
C VAL A 325 -0.69 10.88 13.79
N TRP A 326 -1.18 11.70 14.72
CA TRP A 326 -1.79 13.00 14.43
C TRP A 326 -0.87 14.05 15.04
N TYR A 327 0.15 14.43 14.27
CA TYR A 327 1.00 15.52 14.73
C TYR A 327 0.16 16.79 14.86
N ASP A 328 0.61 17.70 15.73
CA ASP A 328 0.08 19.05 15.72
C ASP A 328 1.18 19.98 16.23
N GLY A 329 0.96 21.30 16.12
CA GLY A 329 1.94 22.23 16.65
C GLY A 329 3.30 22.06 15.95
N GLY A 330 3.30 21.65 14.68
CA GLY A 330 4.52 21.47 13.92
C GLY A 330 5.03 22.75 13.27
N TRP A 331 4.26 23.85 13.43
CA TRP A 331 4.66 25.17 12.98
C TRP A 331 5.62 25.85 13.96
N GLY A 332 5.90 25.20 15.10
CA GLY A 332 6.80 25.76 16.10
C GLY A 332 8.21 25.98 15.53
N SER A 333 8.74 24.92 14.92
CA SER A 333 10.09 24.85 14.37
C SER A 333 10.04 24.06 13.08
N PRO A 334 10.88 24.39 12.08
CA PRO A 334 10.95 23.59 10.86
C PRO A 334 11.50 22.20 11.18
N VAL A 335 11.24 21.21 10.32
CA VAL A 335 11.60 19.83 10.63
C VAL A 335 13.12 19.65 10.63
N SER A 336 13.89 20.54 9.99
CA SER A 336 15.35 20.47 10.10
C SER A 336 15.77 20.53 11.56
N ILE A 337 15.00 21.28 12.39
CA ILE A 337 15.27 21.45 13.82
C ILE A 337 14.47 20.46 14.66
N SER A 338 13.17 20.28 14.38
CA SER A 338 12.33 19.48 15.23
C SER A 338 12.60 17.99 15.05
N ARG A 339 13.12 17.59 13.89
CA ARG A 339 13.54 16.21 13.64
C ARG A 339 12.35 15.25 13.53
N THR A 340 11.18 15.77 13.15
CA THR A 340 10.01 14.93 13.01
C THR A 340 10.08 14.00 11.80
N MET A 341 10.99 14.19 10.85
CA MET A 341 11.15 13.17 9.81
C MET A 341 11.68 11.86 10.43
N GLU A 342 12.40 11.97 11.56
CA GLU A 342 12.95 10.80 12.23
C GLU A 342 11.90 10.05 13.03
N THR A 343 11.00 10.78 13.69
CA THR A 343 9.86 10.16 14.36
C THR A 343 8.91 9.50 13.35
N SER A 344 8.66 10.15 12.20
CA SER A 344 7.82 9.57 11.17
C SER A 344 8.43 8.29 10.60
N ALA A 345 9.72 8.32 10.25
CA ALA A 345 10.37 7.13 9.71
C ALA A 345 10.28 6.00 10.72
N TYR A 346 10.52 6.32 11.99
CA TYR A 346 10.49 5.30 13.03
C TYR A 346 9.12 4.65 13.13
N PHE A 347 8.07 5.49 13.17
CA PHE A 347 6.70 5.01 13.23
C PHE A 347 6.42 4.02 12.09
N TYR A 348 6.76 4.40 10.86
CA TYR A 348 6.53 3.50 9.73
C TYR A 348 7.38 2.24 9.84
N ASN A 349 8.65 2.38 10.21
CA ASN A 349 9.54 1.22 10.25
C ASN A 349 9.07 0.20 11.29
N GLN A 350 8.67 0.65 12.49
CA GLN A 350 8.28 -0.29 13.55
C GLN A 350 6.95 -0.98 13.22
N ALA A 351 6.18 -0.44 12.26
CA ALA A 351 4.90 -1.01 11.87
C ALA A 351 5.04 -2.06 10.76
N GLU A 352 6.18 -2.05 10.09
CA GLU A 352 6.41 -2.92 8.94
C GLU A 352 6.16 -4.37 9.33
N GLY A 353 5.32 -5.07 8.55
CA GLY A 353 5.05 -6.48 8.79
C GLY A 353 4.09 -6.75 9.96
N LYS A 354 3.66 -5.68 10.65
CA LYS A 354 2.84 -5.78 11.86
C LYS A 354 1.45 -5.18 11.64
N LYS A 355 1.37 -3.94 11.14
CA LYS A 355 0.09 -3.31 10.87
C LYS A 355 0.26 -2.18 9.88
N ASP A 356 -0.87 -1.79 9.27
CA ASP A 356 -0.93 -0.67 8.35
C ASP A 356 -1.22 0.61 9.14
N VAL A 357 -0.38 1.63 8.96
CA VAL A 357 -0.48 2.83 9.79
C VAL A 357 -0.51 4.07 8.91
N VAL A 358 -0.82 5.22 9.51
CA VAL A 358 -1.00 6.46 8.75
C VAL A 358 -0.56 7.63 9.64
N ILE A 359 -0.06 8.69 8.98
CA ILE A 359 0.36 9.92 9.63
C ILE A 359 -0.35 11.08 8.92
N ASN A 360 -0.82 12.07 9.69
CA ASN A 360 -1.38 13.28 9.11
C ASN A 360 -0.25 14.13 8.51
N ASN A 361 -0.55 15.37 8.09
CA ASN A 361 0.41 16.20 7.38
C ASN A 361 0.95 17.34 8.25
N ARG A 362 1.07 17.13 9.57
CA ARG A 362 1.38 18.23 10.48
C ARG A 362 2.77 18.11 11.12
N ALA A 363 3.66 17.31 10.53
CA ALA A 363 5.01 17.16 11.09
C ALA A 363 5.79 18.48 11.12
N GLY A 364 5.53 19.36 10.16
CA GLY A 364 6.23 20.63 10.06
C GLY A 364 6.71 20.93 8.64
N SER A 365 7.42 22.04 8.52
CA SER A 365 7.90 22.57 7.24
C SER A 365 9.24 22.00 6.83
N SER A 366 9.37 21.73 5.52
CA SER A 366 10.60 21.29 4.86
C SER A 366 11.41 22.47 4.34
N LEU A 367 10.96 23.71 4.57
CA LEU A 367 11.67 24.87 4.04
C LEU A 367 13.04 25.01 4.70
N SER A 368 13.99 25.55 3.91
CA SER A 368 15.28 26.01 4.41
C SER A 368 15.13 27.29 5.24
N GLU A 369 16.16 27.63 6.01
CA GLU A 369 16.23 28.89 6.73
C GLU A 369 15.96 30.06 5.77
N ASP A 370 16.57 30.00 4.57
CA ASP A 370 16.50 31.08 3.59
C ASP A 370 15.06 31.28 3.09
N ASP A 371 14.34 30.18 2.89
CA ASP A 371 12.97 30.25 2.39
C ASP A 371 12.04 30.70 3.51
N LEU A 372 12.34 30.33 4.76
CA LEU A 372 11.57 30.79 5.91
C LEU A 372 11.73 32.30 6.09
N ILE A 373 12.96 32.82 5.85
CA ILE A 373 13.22 34.25 5.89
C ILE A 373 12.39 34.96 4.81
N LYS A 374 12.36 34.41 3.59
CA LYS A 374 11.66 35.01 2.47
C LYS A 374 10.15 35.01 2.68
N VAL A 375 9.62 34.04 3.44
CA VAL A 375 8.21 33.98 3.76
C VAL A 375 7.85 35.11 4.74
N ARG A 376 8.70 35.31 5.75
CA ARG A 376 8.51 36.35 6.76
C ARG A 376 8.55 37.74 6.12
N ASP A 377 9.53 37.97 5.23
CA ASP A 377 9.69 39.24 4.53
C ASP A 377 8.44 39.56 3.71
N LEU A 378 8.00 38.58 2.91
CA LEU A 378 6.77 38.68 2.14
C LEU A 378 5.58 38.48 3.09
N MET A 388 2.42 32.52 1.01
CA MET A 388 1.51 31.34 1.09
C MET A 388 1.91 30.32 0.03
N LYS A 389 2.25 30.82 -1.17
CA LYS A 389 2.79 30.00 -2.25
C LYS A 389 4.04 29.26 -1.78
N ILE A 390 5.00 30.00 -1.19
CA ILE A 390 6.27 29.41 -0.76
C ILE A 390 6.02 28.49 0.44
N TYR A 391 5.16 28.93 1.38
CA TYR A 391 4.81 28.15 2.56
C TYR A 391 4.30 26.76 2.17
N LEU A 392 3.33 26.70 1.24
CA LEU A 392 2.75 25.43 0.80
C LEU A 392 3.79 24.54 0.11
N SER A 393 4.74 25.14 -0.62
CA SER A 393 5.80 24.37 -1.25
C SER A 393 6.64 23.62 -0.21
N GLY A 394 6.67 24.10 1.03
CA GLY A 394 7.43 23.44 2.10
C GLY A 394 6.61 22.43 2.92
N GLN A 395 5.34 22.23 2.56
CA GLN A 395 4.49 21.28 3.27
C GLN A 395 4.46 20.00 2.45
N GLN A 396 5.32 19.05 2.80
CA GLN A 396 5.66 17.93 1.94
C GLN A 396 5.59 16.58 2.70
N LEU A 397 5.21 16.62 3.98
CA LEU A 397 5.29 15.42 4.83
C LEU A 397 3.89 15.02 5.27
N GLY A 398 3.58 13.72 5.13
CA GLY A 398 2.35 13.17 5.69
C GLY A 398 1.55 12.41 4.63
N ASP A 399 0.55 11.66 5.11
CA ASP A 399 -0.24 10.80 4.23
C ASP A 399 -1.55 11.46 3.78
N TYR A 400 -2.03 12.45 4.54
CA TYR A 400 -3.32 13.07 4.25
C TYR A 400 -3.38 14.50 4.78
N GLY A 401 -4.24 15.30 4.12
CA GLY A 401 -4.48 16.69 4.50
C GLY A 401 -5.43 16.83 5.68
N THR A 402 -5.30 17.95 6.42
CA THR A 402 -6.03 18.18 7.66
C THR A 402 -6.64 19.59 7.69
N PRO A 403 -7.55 19.93 6.77
CA PRO A 403 -8.30 21.19 6.93
C PRO A 403 -9.02 21.23 8.27
N GLU A 404 -9.00 22.40 8.92
CA GLU A 404 -9.51 22.55 10.28
C GLU A 404 -10.70 23.49 10.25
N PHE A 405 -11.86 22.97 10.67
CA PHE A 405 -13.14 23.65 10.77
C PHE A 405 -13.69 23.96 9.38
N THR A 406 -13.02 24.87 8.65
CA THR A 406 -13.34 25.22 7.28
C THR A 406 -12.73 24.18 6.35
N ILE A 407 -13.56 23.53 5.54
CA ILE A 407 -13.08 22.57 4.56
C ILE A 407 -12.27 23.26 3.45
N GLY A 408 -12.82 24.34 2.87
CA GLY A 408 -12.11 25.11 1.87
C GLY A 408 -11.94 24.37 0.55
N ASP A 409 -10.90 24.73 -0.20
CA ASP A 409 -10.70 24.25 -1.57
C ASP A 409 -9.85 22.99 -1.54
N VAL A 410 -10.46 21.88 -1.11
CA VAL A 410 -9.76 20.61 -0.96
C VAL A 410 -9.55 19.99 -2.33
N ASP A 411 -8.39 19.35 -2.46
CA ASP A 411 -8.12 18.45 -3.56
C ASP A 411 -8.81 17.11 -3.25
N ILE A 412 -9.84 16.76 -4.04
CA ILE A 412 -10.62 15.56 -3.78
C ILE A 412 -9.95 14.33 -4.39
N GLN A 413 -8.86 14.54 -5.17
CA GLN A 413 -8.05 13.46 -5.71
C GLN A 413 -7.12 12.88 -4.65
N SER A 414 -6.83 13.62 -3.58
CA SER A 414 -5.98 13.08 -2.52
C SER A 414 -6.82 12.93 -1.26
N LYS A 415 -6.29 12.19 -0.29
CA LYS A 415 -7.04 11.91 0.92
C LYS A 415 -6.91 13.08 1.89
N TRP A 416 -8.02 13.46 2.52
CA TRP A 416 -8.07 14.54 3.47
C TRP A 416 -9.06 14.22 4.57
N GLU A 417 -8.95 14.97 5.67
CA GLU A 417 -9.75 14.81 6.87
C GLU A 417 -10.00 16.19 7.46
N VAL A 418 -11.28 16.53 7.68
CA VAL A 418 -11.61 17.78 8.36
C VAL A 418 -11.91 17.49 9.82
N CYS A 419 -11.33 18.32 10.70
CA CYS A 419 -11.56 18.24 12.13
C CYS A 419 -12.41 19.43 12.59
N ARG A 420 -13.42 19.13 13.41
CA ARG A 420 -14.28 20.13 14.02
C ARG A 420 -15.20 19.46 15.02
N SER A 421 -15.74 20.26 15.96
CA SER A 421 -16.79 19.80 16.88
C SER A 421 -18.15 20.15 16.27
N ILE A 422 -19.21 19.96 17.08
CA ILE A 422 -20.54 20.35 16.64
C ILE A 422 -20.72 21.87 16.71
N SER A 423 -19.80 22.59 17.37
CA SER A 423 -19.85 24.05 17.40
C SER A 423 -18.53 24.57 16.82
N PRO A 424 -18.26 25.89 16.80
CA PRO A 424 -16.91 26.35 16.44
C PRO A 424 -15.81 25.95 17.43
N ALA A 425 -16.20 25.50 18.62
CA ALA A 425 -15.28 25.37 19.75
C ALA A 425 -14.49 24.06 19.68
N PHE A 426 -13.16 24.19 19.68
CA PHE A 426 -12.25 23.09 19.92
C PHE A 426 -11.92 23.08 21.41
N GLY A 427 -12.49 22.13 22.14
CA GLY A 427 -12.49 22.10 23.59
C GLY A 427 -13.85 22.56 24.15
N TYR A 428 -14.11 22.14 25.37
CA TYR A 428 -15.39 22.38 26.02
C TYR A 428 -15.60 23.89 26.14
N ASN A 429 -16.81 24.33 25.76
CA ASN A 429 -17.27 25.68 26.03
C ASN A 429 -18.56 25.56 26.86
N TRP A 430 -18.51 25.97 28.13
CA TRP A 430 -19.67 25.88 29.01
C TRP A 430 -20.86 26.63 28.42
N GLN A 431 -20.62 27.58 27.51
CA GLN A 431 -21.67 28.40 26.91
C GLN A 431 -22.34 27.71 25.72
N ASP A 432 -21.71 26.65 25.19
CA ASP A 432 -22.23 26.03 23.99
C ASP A 432 -23.60 25.41 24.27
N ASP A 433 -24.47 25.56 23.29
CA ASP A 433 -25.88 25.23 23.45
C ASP A 433 -26.51 24.98 22.09
N GLU A 434 -27.85 24.82 22.08
CA GLU A 434 -28.57 24.55 20.84
C GLU A 434 -28.31 25.63 19.80
N ALA A 435 -28.28 26.90 20.23
CA ALA A 435 -28.12 28.00 19.30
C ALA A 435 -26.71 28.01 18.69
N SER A 436 -25.69 27.54 19.44
CA SER A 436 -24.30 27.67 18.98
C SER A 436 -23.81 26.43 18.21
N SER A 437 -24.56 25.33 18.28
CA SER A 437 -24.09 24.02 17.84
C SER A 437 -24.93 23.56 16.64
N LEU A 438 -24.30 22.82 15.71
CA LEU A 438 -25.01 22.12 14.64
C LEU A 438 -26.10 21.24 15.25
N SER A 439 -27.24 21.20 14.56
CA SER A 439 -28.24 20.18 14.84
C SER A 439 -27.72 18.82 14.35
N GLY A 440 -28.32 17.73 14.85
CA GLY A 440 -28.04 16.41 14.30
C GLY A 440 -28.22 16.39 12.79
N GLU A 441 -29.31 17.01 12.33
CA GLU A 441 -29.62 17.12 10.92
C GLU A 441 -28.48 17.76 10.12
N GLU A 442 -28.00 18.91 10.59
CA GLU A 442 -26.92 19.62 9.92
C GLU A 442 -25.64 18.79 9.94
N LEU A 443 -25.38 18.11 11.05
CA LEU A 443 -24.17 17.30 11.20
C LEU A 443 -24.16 16.17 10.18
N ILE A 444 -25.30 15.47 10.06
CA ILE A 444 -25.40 14.36 9.13
C ILE A 444 -25.22 14.83 7.69
N LYS A 445 -25.85 15.94 7.29
CA LYS A 445 -25.71 16.45 5.94
C LYS A 445 -24.26 16.90 5.64
N LEU A 446 -23.59 17.52 6.61
CA LEU A 446 -22.20 17.92 6.44
C LEU A 446 -21.34 16.66 6.23
N PHE A 447 -21.59 15.65 7.07
CA PHE A 447 -20.86 14.37 7.01
C PHE A 447 -20.95 13.75 5.62
N VAL A 448 -22.17 13.64 5.09
CA VAL A 448 -22.38 13.13 3.76
C VAL A 448 -21.59 13.89 2.68
N ASP A 449 -21.57 15.23 2.77
CA ASP A 449 -20.83 16.08 1.85
C ASP A 449 -19.33 15.76 1.91
N ILE A 450 -18.82 15.66 3.13
CA ILE A 450 -17.41 15.36 3.37
C ILE A 450 -17.05 14.04 2.65
N VAL A 451 -17.85 13.02 2.92
CA VAL A 451 -17.55 11.68 2.45
C VAL A 451 -17.63 11.59 0.91
N ALA A 452 -18.62 12.26 0.30
CA ALA A 452 -18.73 12.30 -1.14
C ALA A 452 -17.52 12.93 -1.82
N ASN A 453 -16.84 13.84 -1.09
CA ASN A 453 -15.72 14.59 -1.63
C ASN A 453 -14.37 14.00 -1.17
N ASN A 454 -14.37 12.73 -0.76
CA ASN A 454 -13.18 11.94 -0.46
C ASN A 454 -12.62 12.22 0.94
N GLY A 455 -13.33 13.02 1.73
CA GLY A 455 -12.90 13.31 3.09
C GLY A 455 -13.28 12.24 4.11
N ASN A 456 -12.53 12.23 5.22
CA ASN A 456 -13.00 11.76 6.51
C ASN A 456 -13.42 12.95 7.37
N LEU A 457 -14.41 12.75 8.24
CA LEU A 457 -14.68 13.66 9.34
C LEU A 457 -14.05 13.13 10.63
N LEU A 458 -13.13 13.93 11.21
CA LEU A 458 -12.62 13.68 12.53
C LEU A 458 -13.39 14.57 13.51
N LEU A 459 -14.44 13.99 14.08
CA LEU A 459 -15.39 14.74 14.91
C LEU A 459 -14.88 14.91 16.33
N VAL A 460 -14.67 16.17 16.69
CA VAL A 460 -14.22 16.55 18.02
C VAL A 460 -15.38 16.45 19.01
N ILE A 461 -15.10 15.78 20.12
CA ILE A 461 -15.92 15.78 21.30
C ILE A 461 -15.12 16.29 22.48
N SER A 462 -15.76 17.13 23.29
CA SER A 462 -15.09 17.98 24.25
C SER A 462 -15.75 17.82 25.62
N PRO A 463 -15.21 16.99 26.53
CA PRO A 463 -15.71 16.85 27.90
C PRO A 463 -15.36 18.04 28.80
N ASP A 464 -16.04 18.13 29.95
CA ASP A 464 -15.67 19.11 30.96
C ASP A 464 -14.54 18.59 31.83
N GLY A 465 -14.16 19.36 32.84
CA GLY A 465 -13.03 19.03 33.68
C GLY A 465 -13.20 17.69 34.41
N SER A 466 -14.44 17.31 34.72
CA SER A 466 -14.68 16.07 35.43
C SER A 466 -14.63 14.88 34.46
N GLY A 467 -14.68 15.16 33.16
CA GLY A 467 -14.62 14.15 32.12
C GLY A 467 -16.00 13.78 31.60
N LYS A 468 -17.02 14.56 32.01
CA LYS A 468 -18.38 14.36 31.56
C LYS A 468 -18.56 14.99 30.20
N LEU A 469 -19.22 14.28 29.28
CA LEU A 469 -19.53 14.84 28.00
C LEU A 469 -20.86 15.58 28.11
N PRO A 470 -20.91 16.88 27.69
CA PRO A 470 -22.18 17.61 27.65
C PRO A 470 -23.25 16.79 26.93
N ASP A 471 -24.47 16.79 27.50
CA ASP A 471 -25.56 16.03 26.91
C ASP A 471 -25.78 16.44 25.46
N ILE A 472 -25.56 17.71 25.09
CA ILE A 472 -25.80 18.12 23.71
C ILE A 472 -24.87 17.39 22.73
N GLN A 473 -23.61 17.18 23.13
CA GLN A 473 -22.66 16.47 22.27
C GLN A 473 -23.06 14.99 22.18
N LYS A 474 -23.45 14.42 23.32
N LYS A 474 -23.44 14.41 23.34
CA LYS A 474 -23.89 13.02 23.36
CA LYS A 474 -23.91 13.02 23.40
C LYS A 474 -25.11 12.86 22.44
C LYS A 474 -25.09 12.86 22.45
N ASP A 475 -26.01 13.85 22.46
N ASP A 475 -26.01 13.84 22.46
CA ASP A 475 -27.21 13.80 21.63
CA ASP A 475 -27.21 13.80 21.64
C ASP A 475 -26.85 13.76 20.16
C ASP A 475 -26.85 13.76 20.16
N ARG A 476 -25.89 14.58 19.72
CA ARG A 476 -25.54 14.61 18.31
C ARG A 476 -24.83 13.32 17.91
N LEU A 477 -24.01 12.72 18.79
CA LEU A 477 -23.40 11.42 18.53
C LEU A 477 -24.48 10.34 18.38
N LEU A 478 -25.50 10.40 19.24
CA LEU A 478 -26.60 9.44 19.21
C LEU A 478 -27.32 9.53 17.87
N GLU A 479 -27.59 10.75 17.40
CA GLU A 479 -28.32 10.96 16.15
C GLU A 479 -27.48 10.49 14.96
N LEU A 480 -26.17 10.81 14.98
CA LEU A 480 -25.31 10.35 13.91
C LEU A 480 -25.26 8.82 13.88
N GLY A 481 -25.11 8.20 15.06
CA GLY A 481 -25.07 6.75 15.18
C GLY A 481 -26.37 6.09 14.72
N ASP A 482 -27.50 6.68 15.10
CA ASP A 482 -28.80 6.14 14.69
C ASP A 482 -28.95 6.22 13.18
N TRP A 483 -28.46 7.31 12.58
CA TRP A 483 -28.50 7.44 11.13
C TRP A 483 -27.59 6.41 10.45
N MET A 484 -26.40 6.20 11.03
CA MET A 484 -25.44 5.26 10.46
C MET A 484 -25.96 3.82 10.53
N LYS A 485 -26.74 3.48 11.57
CA LYS A 485 -27.30 2.13 11.70
C LYS A 485 -28.07 1.76 10.44
N VAL A 486 -28.75 2.74 9.83
CA VAL A 486 -29.49 2.54 8.58
C VAL A 486 -28.60 2.72 7.35
N ASN A 487 -27.70 3.71 7.36
CA ASN A 487 -27.11 4.22 6.13
C ASN A 487 -25.60 3.90 5.97
N ALA A 488 -24.98 3.25 6.96
CA ALA A 488 -23.51 3.08 6.97
C ALA A 488 -22.92 2.42 5.71
N GLU A 489 -23.65 1.52 5.03
CA GLU A 489 -23.09 0.84 3.88
C GLU A 489 -22.83 1.81 2.73
N SER A 490 -23.51 2.98 2.72
CA SER A 490 -23.32 4.00 1.71
C SER A 490 -22.19 4.97 2.08
N ILE A 491 -21.51 4.72 3.20
CA ILE A 491 -20.51 5.63 3.75
C ILE A 491 -19.19 4.86 3.88
N HIS A 492 -19.16 3.91 4.82
CA HIS A 492 -17.97 3.09 5.05
C HIS A 492 -17.59 2.39 3.75
N ASN A 493 -16.29 2.34 3.47
CA ASN A 493 -15.74 1.53 2.40
C ASN A 493 -16.12 2.04 1.01
N THR A 494 -16.59 3.28 0.89
CA THR A 494 -16.96 3.85 -0.39
C THR A 494 -15.87 4.79 -0.90
N ARG A 495 -16.06 5.23 -2.15
CA ARG A 495 -15.18 6.15 -2.85
C ARG A 495 -16.04 7.21 -3.54
N PRO A 496 -15.46 8.38 -3.86
CA PRO A 496 -16.14 9.36 -4.70
C PRO A 496 -16.56 8.77 -6.05
N TRP A 497 -17.68 9.29 -6.56
CA TRP A 497 -18.13 8.99 -7.91
C TRP A 497 -17.62 10.07 -8.86
N LYS A 498 -17.87 9.91 -10.17
CA LYS A 498 -17.48 10.88 -11.20
C LYS A 498 -18.12 12.25 -10.93
N VAL A 499 -19.25 12.27 -10.22
CA VAL A 499 -19.90 13.49 -9.76
C VAL A 499 -20.15 13.34 -8.27
N GLN A 500 -19.91 14.42 -7.52
CA GLN A 500 -20.04 14.38 -6.08
C GLN A 500 -21.40 14.89 -5.63
N LYS A 501 -21.95 15.88 -6.37
CA LYS A 501 -23.14 16.61 -5.95
C LYS A 501 -24.03 16.90 -7.16
N GLU A 502 -25.33 16.68 -7.00
CA GLU A 502 -26.34 17.13 -7.94
C GLU A 502 -27.48 17.75 -7.13
N ASN A 503 -27.53 19.09 -7.08
CA ASN A 503 -28.52 19.79 -6.28
C ASN A 503 -28.40 19.31 -4.83
N ASP A 504 -29.48 18.75 -4.28
CA ASP A 504 -29.55 18.35 -2.88
C ASP A 504 -29.05 16.93 -2.69
N LYS A 505 -28.46 16.32 -3.73
CA LYS A 505 -28.02 14.93 -3.69
C LYS A 505 -26.49 14.82 -3.69
N PHE A 506 -25.97 13.95 -2.83
CA PHE A 506 -24.55 13.64 -2.79
C PHE A 506 -24.36 12.16 -3.11
N PHE A 507 -23.33 11.85 -3.91
CA PHE A 507 -23.08 10.50 -4.39
C PHE A 507 -21.84 9.88 -3.73
N THR A 508 -21.92 8.56 -3.47
CA THR A 508 -20.72 7.74 -3.25
C THR A 508 -20.89 6.45 -4.05
N LYS A 509 -19.80 5.71 -4.22
CA LYS A 509 -19.87 4.42 -4.89
C LYS A 509 -19.12 3.37 -4.08
N SER A 510 -19.51 2.10 -4.25
CA SER A 510 -18.73 0.97 -3.75
C SER A 510 -17.36 0.96 -4.44
N LYS A 511 -16.35 0.33 -3.82
CA LYS A 511 -15.01 0.25 -4.41
C LYS A 511 -15.02 -0.34 -5.82
N ASP A 512 -15.83 -1.40 -6.04
CA ASP A 512 -15.90 -2.07 -7.34
C ASP A 512 -16.73 -1.28 -8.36
N GLY A 513 -17.41 -0.21 -7.95
CA GLY A 513 -18.15 0.64 -8.87
C GLY A 513 -19.54 0.08 -9.22
N LYS A 514 -19.96 -1.02 -8.60
CA LYS A 514 -21.19 -1.71 -8.96
C LYS A 514 -22.38 -1.25 -8.12
N SER A 515 -22.15 -0.43 -7.08
CA SER A 515 -23.23 0.15 -6.29
C SER A 515 -23.02 1.66 -6.21
N LEU A 516 -24.04 2.42 -6.64
CA LEU A 516 -24.05 3.87 -6.57
C LEU A 516 -25.04 4.29 -5.49
N PHE A 517 -24.62 5.21 -4.61
CA PHE A 517 -25.43 5.62 -3.48
C PHE A 517 -25.81 7.10 -3.63
N VAL A 518 -27.12 7.38 -3.61
CA VAL A 518 -27.65 8.72 -3.80
C VAL A 518 -28.22 9.20 -2.46
N HIS A 519 -27.52 10.14 -1.82
CA HIS A 519 -27.94 10.64 -0.51
C HIS A 519 -28.74 11.92 -0.73
N CYS A 520 -30.05 11.84 -0.48
CA CYS A 520 -30.96 12.97 -0.64
C CYS A 520 -31.12 13.72 0.66
N THR A 521 -30.67 14.99 0.68
CA THR A 521 -30.74 15.80 1.89
C THR A 521 -32.11 16.48 2.01
N ASN A 522 -32.94 16.38 0.94
CA ASN A 522 -34.37 16.63 1.04
C ASN A 522 -35.13 15.38 0.61
N TRP A 523 -36.19 15.05 1.36
CA TRP A 523 -37.09 13.95 1.00
C TRP A 523 -37.60 14.21 -0.40
N PRO A 524 -37.36 13.31 -1.39
CA PRO A 524 -37.71 13.60 -2.77
C PRO A 524 -39.22 13.53 -3.06
N GLY A 525 -40.04 13.08 -2.08
CA GLY A 525 -41.49 13.09 -2.21
C GLY A 525 -42.01 11.90 -3.02
N GLU A 526 -42.83 12.21 -4.03
CA GLU A 526 -43.48 11.20 -4.85
C GLU A 526 -42.47 10.55 -5.81
N ASN A 527 -41.45 11.32 -6.23
CA ASN A 527 -40.53 10.85 -7.26
C ASN A 527 -39.10 11.33 -7.01
N LEU A 528 -38.14 10.42 -7.22
CA LEU A 528 -36.73 10.76 -7.23
C LEU A 528 -36.24 10.76 -8.67
N ILE A 529 -35.74 11.92 -9.12
CA ILE A 529 -35.20 12.09 -10.47
C ILE A 529 -33.70 12.37 -10.38
N ILE A 530 -32.89 11.62 -11.14
CA ILE A 530 -31.44 11.79 -11.19
C ILE A 530 -31.03 12.22 -12.59
N ASN A 531 -30.47 13.44 -12.71
CA ASN A 531 -30.09 14.06 -13.97
C ASN A 531 -28.72 13.59 -14.45
N THR A 532 -27.78 13.36 -13.52
CA THR A 532 -26.44 12.97 -13.92
C THR A 532 -26.53 11.66 -14.70
N PRO A 533 -25.94 11.56 -15.91
CA PRO A 533 -25.96 10.32 -16.69
C PRO A 533 -25.35 9.11 -15.99
N ILE A 534 -26.04 7.97 -16.08
CA ILE A 534 -25.57 6.69 -15.59
C ILE A 534 -25.39 5.75 -16.79
N GLU A 535 -24.12 5.39 -17.04
CA GLU A 535 -23.72 4.75 -18.29
C GLU A 535 -24.14 3.28 -18.29
N GLU A 536 -23.97 2.63 -17.14
CA GLU A 536 -24.15 1.19 -17.03
C GLU A 536 -25.64 0.86 -16.89
N GLY A 537 -26.02 -0.37 -17.25
CA GLY A 537 -27.36 -0.86 -16.98
C GLY A 537 -27.61 -1.00 -15.48
N ILE A 538 -28.88 -0.88 -15.07
CA ILE A 538 -29.26 -0.91 -13.67
C ILE A 538 -30.01 -2.21 -13.39
N LYS A 539 -29.64 -2.87 -12.28
CA LYS A 539 -30.28 -4.11 -11.85
C LYS A 539 -31.45 -3.85 -10.89
N GLY A 540 -31.35 -2.82 -10.04
CA GLY A 540 -32.36 -2.58 -9.02
C GLY A 540 -32.00 -1.41 -8.10
N ILE A 541 -33.00 -0.97 -7.32
CA ILE A 541 -32.89 0.22 -6.46
C ILE A 541 -33.67 0.00 -5.17
N LYS A 542 -33.06 0.41 -4.05
CA LYS A 542 -33.68 0.37 -2.73
C LYS A 542 -33.33 1.64 -1.95
N LEU A 543 -34.24 2.02 -1.04
CA LEU A 543 -34.01 3.01 -0.02
C LEU A 543 -33.50 2.28 1.21
N LEU A 544 -32.30 2.66 1.66
CA LEU A 544 -31.74 2.05 2.85
C LEU A 544 -32.70 2.33 4.02
N GLY A 545 -33.03 1.26 4.75
CA GLY A 545 -33.98 1.31 5.84
C GLY A 545 -35.30 0.63 5.48
N SER A 546 -35.52 0.38 4.17
CA SER A 546 -36.62 -0.44 3.68
C SER A 546 -36.12 -1.59 2.79
N ASP A 547 -36.75 -2.76 2.96
CA ASP A 547 -36.40 -3.96 2.21
C ASP A 547 -37.14 -4.01 0.87
N ILE A 548 -37.99 -3.02 0.60
CA ILE A 548 -38.87 -3.09 -0.57
C ILE A 548 -38.06 -2.61 -1.78
N ASN A 549 -38.16 -3.30 -2.93
CA ASN A 549 -37.50 -2.84 -4.15
C ASN A 549 -38.36 -1.77 -4.80
N LEU A 550 -37.70 -0.69 -5.23
CA LEU A 550 -38.33 0.44 -5.89
C LEU A 550 -38.39 0.19 -7.40
N GLN A 551 -39.47 0.67 -8.01
CA GLN A 551 -39.62 0.74 -9.46
C GLN A 551 -38.71 1.84 -9.98
N PHE A 552 -38.35 1.76 -11.26
CA PHE A 552 -37.46 2.75 -11.84
C PHE A 552 -37.60 2.65 -13.34
N THR A 553 -37.48 3.79 -14.03
CA THR A 553 -37.41 3.81 -15.48
C THR A 553 -36.38 4.85 -15.89
N LYS A 554 -35.79 4.64 -17.07
CA LYS A 554 -34.95 5.62 -17.73
C LYS A 554 -35.80 6.33 -18.79
N ALA A 555 -35.91 7.66 -18.68
CA ALA A 555 -36.44 8.49 -19.75
C ALA A 555 -35.47 8.47 -20.93
N SER A 556 -35.94 8.93 -22.11
CA SER A 556 -35.17 8.86 -23.33
C SER A 556 -33.99 9.85 -23.29
N ASN A 557 -34.14 10.95 -22.54
CA ASN A 557 -33.05 11.91 -22.32
C ASN A 557 -32.02 11.35 -21.35
N GLY A 558 -32.30 10.18 -20.74
CA GLY A 558 -31.32 9.48 -19.91
C GLY A 558 -31.63 9.55 -18.42
N ASN A 559 -32.44 10.54 -18.01
CA ASN A 559 -32.77 10.78 -16.61
C ASN A 559 -33.35 9.51 -15.96
N LEU A 560 -32.99 9.27 -14.70
CA LEU A 560 -33.56 8.19 -13.92
C LEU A 560 -34.79 8.69 -13.17
N GLU A 561 -35.91 7.96 -13.28
CA GLU A 561 -37.14 8.25 -12.57
C GLU A 561 -37.42 7.12 -11.58
N ILE A 562 -37.66 7.47 -10.30
CA ILE A 562 -37.84 6.47 -9.25
C ILE A 562 -39.09 6.83 -8.44
N PRO A 563 -40.24 6.21 -8.77
CA PRO A 563 -41.45 6.40 -7.96
C PRO A 563 -41.24 5.92 -6.54
N ILE A 564 -41.76 6.69 -5.59
CA ILE A 564 -41.60 6.40 -4.17
C ILE A 564 -42.96 5.97 -3.64
N PRO A 565 -43.07 4.77 -3.02
CA PRO A 565 -44.37 4.28 -2.52
C PRO A 565 -45.14 5.29 -1.66
N LYS A 566 -46.47 5.34 -1.85
CA LYS A 566 -47.29 6.27 -1.11
C LYS A 566 -47.11 6.07 0.39
N ASP A 567 -46.84 4.82 0.81
CA ASP A 567 -46.80 4.44 2.21
C ASP A 567 -45.62 5.10 2.94
N PHE A 568 -44.62 5.56 2.17
CA PHE A 568 -43.44 6.21 2.72
C PHE A 568 -43.64 7.72 2.93
N GLN A 569 -44.68 8.31 2.33
CA GLN A 569 -44.79 9.76 2.24
C GLN A 569 -45.39 10.36 3.51
N ASN A 570 -46.18 9.56 4.24
CA ASN A 570 -46.80 9.99 5.48
C ASN A 570 -45.74 10.38 6.52
N ASN A 571 -44.71 9.55 6.68
CA ASN A 571 -43.71 9.79 7.72
C ASN A 571 -42.40 9.15 7.25
N PRO A 572 -41.72 9.72 6.23
CA PRO A 572 -40.48 9.15 5.71
C PRO A 572 -39.36 9.04 6.75
N SER A 573 -39.40 9.90 7.77
CA SER A 573 -38.40 9.92 8.82
C SER A 573 -38.40 8.63 9.65
N LEU A 574 -39.51 7.86 9.59
CA LEU A 574 -39.57 6.53 10.19
C LEU A 574 -38.50 5.61 9.59
N ILE A 575 -38.23 5.76 8.29
CA ILE A 575 -37.29 4.91 7.57
C ILE A 575 -35.86 5.34 7.90
N SER A 576 -35.62 6.66 7.77
CA SER A 576 -34.31 7.28 7.98
C SER A 576 -34.56 8.77 8.25
N LYS A 577 -33.89 9.37 9.24
CA LYS A 577 -34.06 10.80 9.50
C LYS A 577 -33.07 11.62 8.67
N TYR A 578 -33.55 12.75 8.13
CA TYR A 578 -32.76 13.90 7.68
C TYR A 578 -32.18 13.69 6.29
N VAL A 579 -31.55 12.51 6.06
CA VAL A 579 -30.99 12.18 4.75
C VAL A 579 -31.42 10.76 4.39
N TRP A 580 -31.94 10.61 3.18
CA TRP A 580 -32.49 9.35 2.68
C TRP A 580 -31.58 8.86 1.57
N THR A 581 -31.04 7.64 1.73
CA THR A 581 -30.04 7.14 0.80
C THR A 581 -30.56 5.98 -0.05
N PHE A 582 -30.46 6.16 -1.38
CA PHE A 582 -30.92 5.18 -2.34
C PHE A 582 -29.72 4.46 -2.94
N LYS A 583 -29.75 3.12 -2.85
CA LYS A 583 -28.70 2.27 -3.38
C LYS A 583 -29.08 1.78 -4.76
N ILE A 584 -28.27 2.13 -5.77
CA ILE A 584 -28.49 1.74 -7.15
C ILE A 584 -27.48 0.64 -7.53
N ASP A 585 -27.98 -0.58 -7.77
CA ASP A 585 -27.13 -1.70 -8.14
C ASP A 585 -26.95 -1.72 -9.66
N LEU A 586 -25.70 -1.79 -10.12
CA LEU A 586 -25.34 -1.69 -11.53
C LEU A 586 -24.88 -3.05 -12.07
N ASN A 587 -24.92 -3.21 -13.40
CA ASN A 587 -24.41 -4.38 -14.08
C ASN A 587 -22.91 -4.23 -14.31
N LYS B 34 3.65 -39.25 -39.82
CA LYS B 34 2.62 -38.37 -39.19
C LYS B 34 3.27 -37.13 -38.54
N HIS B 35 4.50 -37.25 -38.01
CA HIS B 35 5.11 -36.14 -37.27
C HIS B 35 6.52 -35.79 -37.75
N LEU B 36 7.23 -36.73 -38.37
CA LEU B 36 8.61 -36.48 -38.80
C LEU B 36 8.55 -35.89 -40.19
N THR B 37 9.05 -34.65 -40.33
CA THR B 37 9.12 -33.97 -41.62
C THR B 37 10.55 -34.03 -42.14
N ASP B 38 10.74 -33.56 -43.38
CA ASP B 38 12.08 -33.34 -43.92
C ASP B 38 12.44 -31.85 -43.83
N ASN B 39 11.71 -31.12 -42.98
CA ASN B 39 11.92 -29.69 -42.78
C ASN B 39 13.11 -29.51 -41.84
N ILE B 40 14.14 -28.80 -42.33
CA ILE B 40 15.35 -28.55 -41.56
C ILE B 40 15.05 -27.76 -40.27
N LEU B 41 13.97 -26.98 -40.26
CA LEU B 41 13.60 -26.19 -39.09
C LEU B 41 13.10 -27.08 -37.93
N GLN B 42 12.66 -28.30 -38.23
CA GLN B 42 12.15 -29.18 -37.18
C GLN B 42 13.33 -29.80 -36.45
N PRO B 43 13.51 -29.55 -35.13
CA PRO B 43 14.55 -30.26 -34.39
C PRO B 43 14.26 -31.75 -34.33
N LYS B 44 15.29 -32.57 -34.54
CA LYS B 44 15.09 -34.02 -34.58
C LYS B 44 16.38 -34.73 -34.21
N ARG B 45 16.21 -36.03 -33.93
CA ARG B 45 17.31 -36.88 -33.54
C ARG B 45 18.51 -36.74 -34.50
N SER B 46 19.70 -36.55 -33.92
CA SER B 46 20.93 -36.54 -34.71
C SER B 46 21.36 -37.96 -35.10
N SER B 47 22.00 -38.09 -36.27
CA SER B 47 22.51 -39.40 -36.68
C SER B 47 23.63 -39.88 -35.75
N ASP B 48 24.26 -38.96 -35.00
CA ASP B 48 25.36 -39.28 -34.10
C ASP B 48 24.90 -39.47 -32.64
N PHE B 49 23.58 -39.63 -32.38
CA PHE B 49 23.05 -39.77 -31.03
C PHE B 49 23.69 -40.95 -30.27
N MET B 50 24.12 -40.68 -29.03
CA MET B 50 24.37 -41.74 -28.06
C MET B 50 23.82 -41.28 -26.70
N ALA B 51 23.35 -42.24 -25.91
CA ALA B 51 22.77 -41.97 -24.59
C ALA B 51 23.68 -41.09 -23.74
N PHE B 52 23.07 -40.12 -23.06
CA PHE B 52 23.74 -39.30 -22.07
C PHE B 52 23.63 -39.98 -20.72
N LYS B 53 24.76 -40.54 -20.24
CA LYS B 53 24.79 -41.17 -18.94
C LYS B 53 25.72 -40.33 -18.07
N TYR B 54 25.12 -39.47 -17.25
CA TYR B 54 25.90 -38.49 -16.51
C TYR B 54 26.93 -39.20 -15.63
N GLU B 55 28.11 -38.57 -15.46
CA GLU B 55 29.21 -39.17 -14.74
C GLU B 55 28.84 -39.53 -13.31
N TYR B 56 27.88 -38.82 -12.71
CA TYR B 56 27.29 -39.22 -11.44
C TYR B 56 25.90 -39.80 -11.67
N SER B 57 25.68 -41.08 -11.33
CA SER B 57 24.34 -41.63 -11.30
C SER B 57 23.60 -41.10 -10.08
N THR B 58 22.30 -41.37 -10.00
CA THR B 58 21.52 -40.95 -8.85
C THR B 58 22.08 -41.64 -7.60
N VAL B 59 22.43 -42.93 -7.71
CA VAL B 59 23.00 -43.65 -6.58
C VAL B 59 24.38 -43.07 -6.20
N ASP B 60 25.20 -42.67 -7.18
CA ASP B 60 26.46 -42.01 -6.90
C ASP B 60 26.22 -40.73 -6.10
N LEU B 61 25.23 -39.92 -6.52
CA LEU B 61 24.96 -38.69 -5.81
C LEU B 61 24.49 -38.97 -4.39
N TYR B 62 23.67 -40.00 -4.17
CA TYR B 62 23.30 -40.42 -2.84
C TYR B 62 24.54 -40.69 -1.97
N ARG B 63 25.46 -41.49 -2.53
CA ARG B 63 26.62 -41.94 -1.76
C ARG B 63 27.58 -40.79 -1.51
N GLU B 64 27.70 -39.87 -2.47
CA GLU B 64 28.83 -38.94 -2.51
C GLU B 64 28.43 -37.53 -2.08
N PHE B 65 27.17 -37.11 -2.34
CA PHE B 65 26.77 -35.73 -2.10
C PHE B 65 25.61 -35.50 -1.12
N SER B 66 24.71 -36.49 -0.90
CA SER B 66 23.53 -36.27 -0.09
C SER B 66 23.86 -35.74 1.30
N GLU B 67 24.84 -36.33 1.98
CA GLU B 67 25.16 -35.90 3.34
C GLU B 67 25.62 -34.44 3.32
N SER B 68 26.48 -34.08 2.37
CA SER B 68 27.01 -32.73 2.32
C SER B 68 25.89 -31.72 2.10
N ILE B 69 24.98 -32.03 1.15
CA ILE B 69 23.88 -31.12 0.84
C ILE B 69 22.93 -30.98 2.04
N MET B 70 22.66 -32.06 2.78
CA MET B 70 21.75 -31.99 3.89
C MET B 70 22.41 -31.25 5.06
N ASP B 71 23.73 -31.39 5.19
CA ASP B 71 24.47 -30.60 6.19
C ASP B 71 24.30 -29.10 5.92
N LYS B 72 24.52 -28.71 4.66
CA LYS B 72 24.43 -27.32 4.27
C LYS B 72 22.99 -26.82 4.39
N ALA B 73 22.04 -27.65 3.96
CA ALA B 73 20.63 -27.30 4.00
C ALA B 73 20.17 -26.98 5.40
N ARG B 74 20.58 -27.82 6.37
CA ARG B 74 20.12 -27.62 7.73
C ARG B 74 20.59 -26.28 8.26
N SER B 75 21.84 -25.94 7.95
N SER B 75 21.85 -25.95 7.99
CA SER B 75 22.42 -24.68 8.42
CA SER B 75 22.40 -24.67 8.42
C SER B 75 21.73 -23.50 7.75
C SER B 75 21.64 -23.51 7.78
N GLU B 76 21.43 -23.61 6.46
CA GLU B 76 20.79 -22.53 5.73
C GLU B 76 19.35 -22.32 6.17
N VAL B 77 18.62 -23.39 6.47
CA VAL B 77 17.26 -23.27 6.97
C VAL B 77 17.28 -22.58 8.34
N GLU B 78 18.22 -22.98 9.21
CA GLU B 78 18.34 -22.34 10.51
C GLU B 78 18.57 -20.82 10.37
N ILE B 79 19.47 -20.44 9.45
CA ILE B 79 19.78 -19.04 9.21
C ILE B 79 18.52 -18.33 8.69
N LEU B 80 17.83 -18.92 7.73
CA LEU B 80 16.61 -18.31 7.18
C LEU B 80 15.55 -18.10 8.28
N GLU B 81 15.37 -19.11 9.13
CA GLU B 81 14.38 -19.04 10.21
C GLU B 81 14.76 -17.94 11.21
N SER B 82 16.06 -17.81 11.49
CA SER B 82 16.56 -16.75 12.37
C SER B 82 16.31 -15.36 11.76
N VAL B 83 16.57 -15.20 10.46
CA VAL B 83 16.28 -13.94 9.79
C VAL B 83 14.79 -13.61 9.93
N ASN B 84 13.91 -14.58 9.76
CA ASN B 84 12.46 -14.33 9.84
C ASN B 84 12.06 -14.01 11.29
N ARG B 85 12.71 -14.67 12.27
CA ARG B 85 12.37 -14.41 13.66
C ARG B 85 12.70 -12.96 14.02
N GLN B 86 13.82 -12.46 13.49
CA GLN B 86 14.32 -11.13 13.82
C GLN B 86 13.75 -10.05 12.91
N GLY B 87 13.16 -10.44 11.76
CA GLY B 87 12.77 -9.52 10.72
C GLY B 87 11.35 -8.96 10.90
N ARG B 88 11.02 -8.03 10.00
CA ARG B 88 9.72 -7.37 10.05
C ARG B 88 8.60 -8.29 9.60
N TYR B 89 8.87 -9.07 8.53
CA TYR B 89 7.84 -9.90 7.94
C TYR B 89 7.93 -11.31 8.50
N LYS B 90 6.76 -11.80 8.93
CA LYS B 90 6.64 -13.13 9.49
C LYS B 90 6.01 -14.05 8.46
N PRO B 91 6.30 -15.37 8.52
CA PRO B 91 5.80 -16.31 7.51
C PRO B 91 4.36 -16.74 7.78
N ASN B 92 3.45 -15.79 7.62
CA ASN B 92 2.02 -16.02 7.75
C ASN B 92 1.30 -15.06 6.79
N VAL B 93 0.07 -15.41 6.42
CA VAL B 93 -0.70 -14.67 5.43
C VAL B 93 -0.90 -13.21 5.88
N GLU B 94 -1.24 -12.99 7.14
CA GLU B 94 -1.56 -11.64 7.60
C GLU B 94 -0.35 -10.70 7.53
N SER B 95 0.83 -11.17 7.96
CA SER B 95 2.02 -10.34 7.94
C SER B 95 2.45 -10.07 6.49
N LEU B 96 2.47 -11.12 5.66
CA LEU B 96 2.94 -10.94 4.29
C LEU B 96 1.99 -10.04 3.49
N LYS B 97 0.69 -10.08 3.81
CA LYS B 97 -0.28 -9.25 3.09
C LYS B 97 0.02 -7.76 3.22
N LEU B 98 0.66 -7.36 4.34
CA LEU B 98 0.96 -5.95 4.59
C LEU B 98 2.06 -5.43 3.67
N HIS B 99 2.84 -6.33 3.05
CA HIS B 99 3.79 -5.90 2.05
C HIS B 99 3.06 -5.32 0.84
N GLU B 100 3.58 -4.14 0.26
CA GLU B 100 2.85 -3.50 -0.85
C GLU B 100 3.63 -3.64 -2.15
N VAL B 101 2.90 -3.54 -3.26
CA VAL B 101 3.52 -3.51 -4.58
C VAL B 101 4.46 -2.30 -4.61
N PRO B 102 5.74 -2.46 -5.00
CA PRO B 102 6.62 -1.31 -5.17
C PRO B 102 6.19 -0.41 -6.33
N GLU B 103 6.46 0.90 -6.16
CA GLU B 103 6.23 1.88 -7.21
C GLU B 103 6.81 1.42 -8.55
N TRP B 104 8.04 0.88 -8.57
CA TRP B 104 8.68 0.52 -9.81
C TRP B 104 7.85 -0.50 -10.58
N PHE B 105 7.18 -1.42 -9.89
CA PHE B 105 6.41 -2.46 -10.56
C PHE B 105 5.10 -1.90 -11.13
N GLU B 106 4.45 -0.98 -10.40
CA GLU B 106 3.30 -0.26 -10.93
C GLU B 106 3.71 0.47 -12.22
N ASP B 107 4.90 1.07 -12.19
CA ASP B 107 5.39 1.94 -13.24
C ASP B 107 5.89 1.17 -14.47
N ALA B 108 6.29 -0.10 -14.30
CA ALA B 108 7.11 -0.80 -15.30
C ALA B 108 6.35 -1.09 -16.60
N LYS B 109 5.14 -1.65 -16.45
CA LYS B 109 4.20 -1.96 -17.54
C LYS B 109 4.59 -3.14 -18.43
N LEU B 110 5.90 -3.28 -18.72
CA LEU B 110 6.36 -4.32 -19.64
C LEU B 110 7.57 -5.05 -19.04
N GLY B 111 7.48 -6.37 -18.98
CA GLY B 111 8.62 -7.21 -18.64
C GLY B 111 8.88 -8.23 -19.74
N ILE B 112 10.09 -8.77 -19.75
CA ILE B 112 10.46 -9.86 -20.65
C ILE B 112 10.61 -11.13 -19.83
N PHE B 113 9.98 -12.21 -20.31
CA PHE B 113 9.95 -13.50 -19.63
C PHE B 113 10.71 -14.49 -20.52
N LEU B 114 11.93 -14.88 -20.12
CA LEU B 114 12.77 -15.68 -20.99
C LEU B 114 12.51 -17.17 -20.76
N ASP B 115 11.72 -17.75 -21.65
CA ASP B 115 11.28 -19.14 -21.53
C ASP B 115 12.24 -20.00 -22.34
N TRP B 116 13.31 -20.43 -21.65
CA TRP B 116 14.43 -21.12 -22.25
C TRP B 116 14.89 -22.21 -21.27
N GLY B 117 15.02 -23.42 -21.78
CA GLY B 117 15.41 -24.56 -20.99
C GLY B 117 15.51 -25.80 -21.89
N PRO B 118 15.71 -27.00 -21.32
CA PRO B 118 15.91 -28.18 -22.16
C PRO B 118 14.81 -28.46 -23.17
N TRP B 119 13.57 -28.08 -22.83
CA TRP B 119 12.41 -28.18 -23.71
C TRP B 119 12.59 -27.38 -25.00
N SER B 120 13.47 -26.38 -24.98
CA SER B 120 13.70 -25.52 -26.12
C SER B 120 14.31 -26.32 -27.27
N VAL B 121 15.01 -27.41 -26.94
CA VAL B 121 15.63 -28.25 -27.95
C VAL B 121 14.56 -28.85 -28.87
N PRO B 122 13.61 -29.70 -28.38
CA PRO B 122 12.60 -30.25 -29.31
C PRO B 122 11.66 -29.20 -29.88
N GLY B 123 11.39 -28.13 -29.11
CA GLY B 123 10.59 -26.99 -29.59
C GLY B 123 9.24 -27.36 -30.17
N TYR B 124 8.47 -28.17 -29.45
CA TYR B 124 7.22 -28.71 -29.98
C TYR B 124 6.05 -28.66 -29.00
N ALA B 125 4.91 -28.19 -29.53
CA ALA B 125 3.59 -28.56 -29.07
C ALA B 125 2.73 -28.59 -30.31
N PRO B 126 1.56 -29.27 -30.29
CA PRO B 126 0.60 -29.09 -31.38
C PRO B 126 0.25 -27.61 -31.56
N LEU B 127 0.13 -27.17 -32.81
CA LEU B 127 -0.37 -25.84 -33.06
C LEU B 127 -1.78 -25.63 -32.51
N LYS B 128 -2.62 -26.68 -32.58
CA LYS B 128 -3.97 -26.62 -32.05
C LYS B 128 -4.33 -27.96 -31.41
N GLY B 129 -5.21 -27.88 -30.40
CA GLY B 129 -5.88 -29.05 -29.85
C GLY B 129 -5.25 -29.57 -28.56
N ALA B 130 -4.10 -29.00 -28.13
CA ALA B 130 -3.45 -29.42 -26.89
C ALA B 130 -3.38 -28.28 -25.89
N GLU B 131 -4.33 -27.33 -25.99
CA GLU B 131 -4.32 -26.17 -25.12
C GLU B 131 -4.65 -26.63 -23.69
N ALA B 132 -3.99 -26.02 -22.71
CA ALA B 132 -4.37 -26.15 -21.31
C ALA B 132 -5.57 -25.24 -20.98
N SER B 133 -6.00 -25.28 -19.72
CA SER B 133 -7.17 -24.51 -19.29
C SER B 133 -6.97 -23.00 -19.42
N THR B 134 -5.70 -22.54 -19.47
CA THR B 134 -5.35 -21.15 -19.73
C THR B 134 -5.65 -20.69 -21.17
N GLY B 135 -5.80 -21.63 -22.11
CA GLY B 135 -5.85 -21.30 -23.53
C GLY B 135 -4.48 -21.34 -24.19
N GLY B 136 -3.41 -21.38 -23.39
CA GLY B 136 -2.07 -21.49 -23.95
C GLY B 136 -1.76 -22.93 -24.33
N SER B 137 -0.73 -23.09 -25.16
CA SER B 137 -0.11 -24.40 -25.39
C SER B 137 1.31 -24.38 -24.83
N TYR B 138 1.85 -25.56 -24.56
CA TYR B 138 3.03 -25.69 -23.69
C TYR B 138 4.08 -26.58 -24.32
N PRO B 139 4.86 -26.07 -25.29
CA PRO B 139 6.15 -26.68 -25.60
C PRO B 139 7.03 -26.84 -24.37
N ASP B 140 6.90 -25.93 -23.39
CA ASP B 140 7.76 -25.99 -22.22
C ASP B 140 7.32 -27.08 -21.22
N TRP B 141 6.29 -27.87 -21.53
CA TRP B 141 5.99 -29.09 -20.78
C TRP B 141 6.49 -30.36 -21.48
N TYR B 142 7.23 -30.22 -22.59
CA TYR B 142 7.66 -31.38 -23.37
C TYR B 142 8.39 -32.42 -22.54
N GLU B 143 9.25 -32.01 -21.59
CA GLU B 143 9.99 -32.98 -20.80
C GLU B 143 9.07 -33.97 -20.06
N PHE B 144 7.89 -33.49 -19.66
CA PHE B 144 6.90 -34.31 -18.98
C PHE B 144 5.96 -35.01 -19.98
N LEU B 145 5.44 -34.26 -20.96
CA LEU B 145 4.39 -34.73 -21.85
C LEU B 145 4.95 -35.67 -22.91
N MET B 146 6.29 -35.75 -23.09
CA MET B 146 6.90 -36.68 -24.04
C MET B 146 6.55 -38.14 -23.73
N ASP B 147 6.14 -38.43 -22.48
CA ASP B 147 5.81 -39.80 -22.07
C ASP B 147 4.31 -40.07 -22.21
N ASN B 148 3.51 -39.10 -22.66
CA ASN B 148 2.06 -39.29 -22.68
C ASN B 148 1.45 -38.52 -23.87
N LEU B 149 1.12 -37.24 -23.68
CA LEU B 149 0.37 -36.49 -24.68
C LEU B 149 1.18 -36.31 -25.97
N TYR B 150 2.50 -36.09 -25.85
CA TYR B 150 3.38 -35.88 -26.99
C TYR B 150 4.17 -37.14 -27.35
N LYS B 151 3.76 -38.33 -26.88
CA LYS B 151 4.59 -39.51 -27.02
C LYS B 151 4.67 -39.98 -28.48
N GLU B 152 3.59 -39.86 -29.26
CA GLU B 152 3.64 -40.28 -30.66
C GLU B 152 4.65 -39.42 -31.43
N TYR B 153 4.59 -38.11 -31.23
CA TYR B 153 5.56 -37.20 -31.83
C TYR B 153 6.96 -37.60 -31.37
N HIS B 154 7.15 -37.74 -30.06
CA HIS B 154 8.49 -38.00 -29.55
C HIS B 154 9.07 -39.27 -30.18
N ASP B 155 8.27 -40.33 -30.20
CA ASP B 155 8.73 -41.63 -30.69
C ASP B 155 9.13 -41.56 -32.16
N GLU B 156 8.46 -40.71 -32.94
CA GLU B 156 8.69 -40.61 -34.37
C GLU B 156 9.84 -39.68 -34.71
N VAL B 157 10.04 -38.63 -33.92
CA VAL B 157 10.99 -37.56 -34.25
C VAL B 157 12.32 -37.71 -33.51
N TRP B 158 12.26 -38.19 -32.28
CA TRP B 158 13.41 -38.32 -31.40
C TRP B 158 13.78 -39.79 -31.14
N GLY B 159 12.77 -40.64 -30.90
CA GLY B 159 12.99 -42.05 -30.65
C GLY B 159 12.58 -42.44 -29.24
N ALA B 160 11.99 -43.64 -29.08
CA ALA B 160 11.55 -44.08 -27.76
C ALA B 160 12.73 -44.29 -26.80
N ASP B 161 13.94 -44.48 -27.36
CA ASP B 161 15.17 -44.70 -26.61
C ASP B 161 15.81 -43.37 -26.22
N PHE B 162 15.29 -42.25 -26.75
CA PHE B 162 15.81 -40.93 -26.42
C PHE B 162 15.01 -40.44 -25.21
N ARG B 163 15.71 -40.22 -24.09
N ARG B 163 15.72 -40.20 -24.10
CA ARG B 163 15.09 -39.93 -22.82
CA ARG B 163 15.08 -39.91 -22.83
C ARG B 163 15.11 -38.42 -22.57
C ARG B 163 15.10 -38.40 -22.59
N ARG B 164 14.37 -37.98 -21.54
CA ARG B 164 14.28 -36.56 -21.21
C ARG B 164 15.67 -35.92 -21.15
N ASP B 165 16.60 -36.58 -20.45
CA ASP B 165 17.88 -35.97 -20.16
C ASP B 165 18.78 -35.92 -21.39
N ASP B 166 18.45 -36.66 -22.46
CA ASP B 166 19.20 -36.53 -23.70
C ASP B 166 19.03 -35.15 -24.36
N PHE B 167 18.05 -34.35 -23.92
CA PHE B 167 17.96 -32.97 -24.38
C PHE B 167 19.01 -32.06 -23.72
N LEU B 168 19.50 -32.41 -22.53
CA LEU B 168 20.35 -31.49 -21.78
C LEU B 168 21.64 -31.15 -22.56
N PRO B 169 22.39 -32.11 -23.12
CA PRO B 169 23.61 -31.77 -23.88
C PRO B 169 23.33 -30.91 -25.11
N LEU B 170 22.10 -30.97 -25.64
CA LEU B 170 21.73 -30.24 -26.84
C LEU B 170 21.36 -28.79 -26.55
N LEU B 171 21.21 -28.44 -25.25
CA LEU B 171 20.95 -27.07 -24.83
C LEU B 171 22.30 -26.35 -24.78
N THR B 172 22.84 -26.02 -25.96
CA THR B 172 24.23 -25.65 -26.05
C THR B 172 24.45 -24.17 -25.67
N GLY B 173 23.45 -23.32 -25.88
CA GLY B 173 23.59 -21.89 -25.68
C GLY B 173 24.65 -21.24 -26.57
N GLU B 174 25.02 -21.89 -27.68
CA GLU B 174 26.09 -21.36 -28.54
C GLU B 174 25.68 -20.03 -29.18
N ASN B 175 24.36 -19.80 -29.32
CA ASN B 175 23.83 -18.56 -29.87
C ASN B 175 23.18 -17.68 -28.80
N PHE B 176 23.38 -17.99 -27.52
CA PHE B 176 22.79 -17.24 -26.42
C PHE B 176 23.81 -16.24 -25.88
N ASN B 177 23.53 -14.94 -26.10
CA ASN B 177 24.37 -13.90 -25.56
C ASN B 177 23.56 -13.08 -24.57
N SER B 178 23.96 -13.14 -23.28
CA SER B 178 23.19 -12.53 -22.22
C SER B 178 23.06 -11.02 -22.37
N GLU B 179 24.17 -10.33 -22.73
CA GLU B 179 24.10 -8.90 -22.94
C GLU B 179 23.12 -8.56 -24.07
N GLU B 180 23.18 -9.31 -25.16
CA GLU B 180 22.24 -9.06 -26.27
C GLU B 180 20.78 -9.24 -25.83
N TYR B 181 20.50 -10.30 -25.04
CA TYR B 181 19.14 -10.48 -24.56
C TYR B 181 18.70 -9.32 -23.66
N MET B 182 19.61 -8.84 -22.80
CA MET B 182 19.27 -7.73 -21.94
C MET B 182 19.01 -6.45 -22.76
N LEU B 183 19.84 -6.22 -23.78
CA LEU B 183 19.65 -5.05 -24.61
C LEU B 183 18.37 -5.16 -25.44
N LEU B 184 18.00 -6.37 -25.87
CA LEU B 184 16.73 -6.59 -26.54
C LEU B 184 15.58 -6.16 -25.63
N ALA B 185 15.65 -6.54 -24.34
CA ALA B 185 14.64 -6.13 -23.38
C ALA B 185 14.62 -4.61 -23.23
N VAL B 186 15.80 -3.99 -23.05
CA VAL B 186 15.87 -2.53 -22.87
C VAL B 186 15.23 -1.85 -24.09
N ASN B 187 15.66 -2.28 -25.28
CA ASN B 187 15.25 -1.61 -26.52
C ASN B 187 13.78 -1.85 -26.83
N SER B 188 13.17 -2.88 -26.25
N SER B 188 13.17 -2.88 -26.26
CA SER B 188 11.76 -3.18 -26.45
CA SER B 188 11.75 -3.17 -26.49
C SER B 188 10.87 -2.27 -25.62
C SER B 188 10.85 -2.31 -25.59
N GLY B 189 11.46 -1.58 -24.62
CA GLY B 189 10.72 -0.78 -23.66
C GLY B 189 10.45 -1.50 -22.36
N ALA B 190 11.04 -2.69 -22.15
CA ALA B 190 10.78 -3.41 -20.92
C ALA B 190 11.53 -2.80 -19.73
N LYS B 191 10.97 -2.97 -18.51
CA LYS B 191 11.57 -2.46 -17.28
C LYS B 191 11.89 -3.55 -16.27
N TYR B 192 11.56 -4.81 -16.57
CA TYR B 192 12.03 -5.95 -15.80
C TYR B 192 12.27 -7.13 -16.73
N PHE B 193 13.13 -8.03 -16.26
CA PHE B 193 13.57 -9.19 -17.02
C PHE B 193 13.53 -10.39 -16.08
N VAL B 194 12.73 -11.40 -16.44
CA VAL B 194 12.50 -12.57 -15.62
C VAL B 194 12.96 -13.79 -16.42
N PRO B 195 14.17 -14.33 -16.19
CA PRO B 195 14.59 -15.59 -16.81
C PRO B 195 13.86 -16.75 -16.13
N PHE B 196 13.62 -17.83 -16.87
CA PHE B 196 13.12 -19.07 -16.28
C PHE B 196 14.24 -19.77 -15.49
N THR B 197 14.55 -19.23 -14.31
CA THR B 197 15.73 -19.69 -13.59
C THR B 197 15.62 -21.15 -13.16
N LYS B 198 14.43 -21.64 -12.81
CA LYS B 198 14.26 -23.07 -12.56
C LYS B 198 12.81 -23.50 -12.78
N HIS B 199 12.63 -24.30 -13.85
CA HIS B 199 11.33 -24.81 -14.24
C HIS B 199 11.07 -26.19 -13.65
N HIS B 200 10.02 -26.89 -14.11
CA HIS B 200 9.45 -28.00 -13.37
C HIS B 200 10.34 -29.25 -13.31
N ALA B 201 11.26 -29.45 -14.25
CA ALA B 201 12.15 -30.60 -14.22
C ALA B 201 13.41 -30.27 -13.41
N GLY B 202 13.56 -29.03 -12.94
CA GLY B 202 14.60 -28.74 -11.96
C GLY B 202 15.97 -28.33 -12.50
N TRP B 203 16.13 -28.07 -13.81
CA TRP B 203 17.40 -27.54 -14.30
C TRP B 203 17.53 -26.08 -13.89
N THR B 204 18.61 -25.74 -13.18
CA THR B 204 18.81 -24.38 -12.73
C THR B 204 19.69 -23.60 -13.73
N MET B 205 19.30 -22.35 -14.00
CA MET B 205 20.10 -21.46 -14.85
C MET B 205 21.35 -20.97 -14.11
N TRP B 206 21.33 -21.05 -12.77
CA TRP B 206 22.45 -20.60 -11.95
C TRP B 206 23.32 -21.79 -11.54
N GLU B 207 24.57 -21.49 -11.17
CA GLU B 207 25.49 -22.49 -10.65
C GLU B 207 25.14 -22.72 -9.19
N SER B 208 24.49 -23.85 -8.92
CA SER B 208 23.96 -24.18 -7.60
C SER B 208 24.81 -25.26 -6.93
N GLU B 209 25.03 -25.13 -5.62
CA GLU B 209 25.67 -26.19 -4.85
C GLU B 209 24.67 -27.27 -4.43
N PHE B 210 23.38 -27.11 -4.74
CA PHE B 210 22.35 -28.04 -4.28
C PHE B 210 21.86 -29.00 -5.37
N THR B 211 22.39 -28.87 -6.58
CA THR B 211 22.03 -29.75 -7.68
C THR B 211 23.17 -29.70 -8.70
N LYS B 212 23.41 -30.82 -9.40
CA LYS B 212 24.28 -30.85 -10.56
C LYS B 212 23.49 -30.67 -11.85
N ARG B 213 22.15 -30.63 -11.75
CA ARG B 213 21.31 -30.29 -12.89
C ARG B 213 21.26 -28.76 -13.01
N ASN B 214 22.41 -28.17 -13.38
CA ASN B 214 22.57 -26.73 -13.44
C ASN B 214 23.30 -26.39 -14.74
N ALA B 215 23.23 -25.10 -15.12
CA ALA B 215 23.70 -24.65 -16.41
C ALA B 215 25.21 -24.74 -16.61
N VAL B 216 25.99 -24.84 -15.51
CA VAL B 216 27.43 -25.02 -15.62
C VAL B 216 27.76 -26.48 -15.90
N GLU B 217 27.07 -27.40 -15.21
CA GLU B 217 27.40 -28.82 -15.29
C GLU B 217 26.67 -29.52 -16.44
N MET B 218 25.59 -28.94 -16.92
CA MET B 218 24.77 -29.55 -17.98
C MET B 218 24.22 -28.47 -18.90
N GLY B 219 24.38 -28.71 -20.21
CA GLY B 219 23.87 -27.80 -21.21
C GLY B 219 24.92 -26.77 -21.65
N PRO B 220 24.74 -25.48 -21.34
CA PRO B 220 25.60 -24.45 -21.93
C PRO B 220 26.96 -24.26 -21.28
N GLY B 221 27.16 -24.83 -20.10
CA GLY B 221 28.45 -24.78 -19.44
C GLY B 221 28.82 -23.40 -18.88
N ARG B 222 27.77 -22.64 -18.51
CA ARG B 222 27.90 -21.26 -18.05
C ARG B 222 26.87 -21.01 -16.95
N ASP B 223 27.20 -20.07 -16.04
CA ASP B 223 26.19 -19.57 -15.12
C ASP B 223 25.40 -18.53 -15.91
N ILE B 224 24.36 -18.99 -16.59
CA ILE B 224 23.50 -18.16 -17.42
C ILE B 224 22.86 -17.06 -16.57
N TYR B 225 22.36 -17.41 -15.38
CA TYR B 225 21.69 -16.42 -14.57
C TYR B 225 22.66 -15.32 -14.13
N LYS B 226 23.87 -15.71 -13.71
CA LYS B 226 24.87 -14.73 -13.32
C LYS B 226 25.13 -13.76 -14.48
N GLU B 227 25.23 -14.28 -15.69
CA GLU B 227 25.49 -13.40 -16.85
C GLU B 227 24.34 -12.41 -17.02
N LEU B 228 23.10 -12.90 -16.91
CA LEU B 228 21.95 -12.01 -17.06
C LEU B 228 21.85 -10.99 -15.93
N ILE B 229 22.18 -11.40 -14.70
CA ILE B 229 22.16 -10.52 -13.55
C ILE B 229 23.20 -9.42 -13.73
N GLU B 230 24.38 -9.76 -14.24
CA GLU B 230 25.42 -8.77 -14.47
C GLU B 230 24.96 -7.79 -15.56
N ALA B 231 24.36 -8.31 -16.63
CA ALA B 231 23.85 -7.44 -17.68
C ALA B 231 22.74 -6.54 -17.14
N GLY B 232 21.85 -7.09 -16.29
CA GLY B 232 20.79 -6.29 -15.71
C GLY B 232 21.33 -5.14 -14.87
N LYS B 233 22.41 -5.38 -14.13
CA LYS B 233 23.02 -4.32 -13.35
C LYS B 233 23.59 -3.25 -14.28
N LYS B 234 24.27 -3.68 -15.35
CA LYS B 234 24.92 -2.75 -16.27
C LYS B 234 23.88 -1.82 -16.90
N TYR B 235 22.70 -2.36 -17.26
CA TYR B 235 21.69 -1.59 -17.96
C TYR B 235 20.53 -1.15 -17.08
N ASP B 236 20.70 -1.23 -15.75
CA ASP B 236 19.73 -0.70 -14.79
C ASP B 236 18.34 -1.32 -15.04
N MET B 237 18.32 -2.64 -15.18
CA MET B 237 17.09 -3.39 -15.36
C MET B 237 16.72 -4.15 -14.08
N LYS B 238 15.46 -4.09 -13.67
CA LYS B 238 14.96 -4.90 -12.55
C LYS B 238 14.97 -6.37 -12.97
N MET B 239 15.41 -7.24 -12.06
CA MET B 239 15.64 -8.63 -12.40
C MET B 239 14.73 -9.54 -11.59
N GLY B 240 14.11 -10.48 -12.28
CA GLY B 240 13.32 -11.51 -11.63
C GLY B 240 14.07 -12.81 -11.39
N PHE B 241 13.42 -13.63 -10.56
CA PHE B 241 13.81 -14.98 -10.20
C PHE B 241 12.57 -15.85 -10.28
N TYR B 242 12.47 -16.61 -11.38
CA TYR B 242 11.40 -17.57 -11.63
C TYR B 242 11.78 -18.89 -10.97
N PHE B 243 10.86 -19.45 -10.18
CA PHE B 243 11.22 -20.58 -9.36
C PHE B 243 10.04 -21.53 -9.19
N SER B 244 10.16 -22.74 -9.78
CA SER B 244 9.18 -23.79 -9.63
C SER B 244 9.32 -24.37 -8.23
N VAL B 245 8.27 -24.22 -7.41
CA VAL B 245 8.29 -24.67 -6.03
C VAL B 245 8.48 -26.19 -5.96
N SER B 246 7.63 -26.92 -6.68
CA SER B 246 7.75 -28.36 -6.84
C SER B 246 8.43 -28.69 -8.16
N GLU B 247 8.89 -29.94 -8.27
CA GLU B 247 9.42 -30.51 -9.49
C GLU B 247 8.65 -31.80 -9.81
N TRP B 248 8.68 -32.22 -11.08
CA TRP B 248 7.84 -33.35 -11.46
C TRP B 248 8.24 -34.61 -10.70
N GLU B 249 9.55 -34.85 -10.53
CA GLU B 249 10.07 -36.03 -9.84
C GLU B 249 11.34 -35.60 -9.10
N TYR B 250 11.55 -36.15 -7.90
CA TYR B 250 12.75 -35.84 -7.15
C TYR B 250 13.15 -37.09 -6.37
N PRO B 251 14.44 -37.51 -6.42
CA PRO B 251 14.86 -38.71 -5.67
C PRO B 251 14.98 -38.39 -4.19
N VAL B 252 14.33 -39.19 -3.35
CA VAL B 252 14.33 -38.95 -1.91
C VAL B 252 14.79 -40.21 -1.17
N ILE B 253 15.36 -39.94 0.02
CA ILE B 253 15.88 -40.95 0.91
C ILE B 253 14.77 -41.37 1.85
N VAL B 254 14.51 -42.69 1.93
CA VAL B 254 13.42 -43.23 2.72
C VAL B 254 13.93 -44.38 3.61
N ASP B 255 13.24 -44.55 4.75
N ASP B 255 13.28 -44.57 4.76
CA ASP B 255 13.54 -45.61 5.70
CA ASP B 255 13.64 -45.66 5.65
C ASP B 255 13.11 -46.98 5.15
C ASP B 255 13.14 -47.00 5.09
N GLN B 256 11.87 -47.05 4.66
CA GLN B 256 11.27 -48.27 4.15
C GLN B 256 11.11 -48.14 2.64
N ASN B 257 11.37 -49.23 1.90
CA ASN B 257 11.06 -49.28 0.48
C ASN B 257 9.56 -49.48 0.26
N LEU B 258 9.13 -49.40 -0.99
CA LEU B 258 7.71 -49.25 -1.29
C LEU B 258 7.09 -50.50 -1.87
N SER B 259 7.92 -51.44 -2.36
CA SER B 259 7.40 -52.66 -2.97
C SER B 259 8.50 -53.72 -2.90
N GLN B 260 8.08 -54.95 -3.11
CA GLN B 260 8.99 -56.08 -3.21
C GLN B 260 9.84 -56.04 -4.50
N TRP B 261 9.51 -55.16 -5.47
CA TRP B 261 10.24 -55.06 -6.73
C TRP B 261 11.33 -53.99 -6.68
N ASP B 262 11.34 -53.17 -5.62
CA ASP B 262 12.28 -52.03 -5.58
C ASP B 262 13.71 -52.53 -5.65
N PRO B 263 14.54 -52.10 -6.62
CA PRO B 263 15.91 -52.60 -6.69
C PRO B 263 16.95 -51.92 -5.80
N VAL B 264 16.65 -50.71 -5.31
CA VAL B 264 17.63 -49.91 -4.59
C VAL B 264 17.06 -49.51 -3.24
N LYS B 265 17.72 -49.99 -2.18
CA LYS B 265 17.32 -49.72 -0.81
C LYS B 265 17.44 -48.22 -0.52
N ASN B 266 16.40 -47.72 0.14
CA ASN B 266 16.36 -46.41 0.77
C ASN B 266 16.24 -45.24 -0.21
N LEU B 267 15.96 -45.49 -1.50
CA LEU B 267 15.64 -44.41 -2.42
C LEU B 267 14.26 -44.65 -3.02
N ALA B 268 13.55 -43.53 -3.19
CA ALA B 268 12.24 -43.49 -3.83
C ALA B 268 12.13 -42.19 -4.62
N ILE B 269 11.00 -42.00 -5.35
CA ILE B 269 10.76 -40.79 -6.12
C ILE B 269 9.58 -40.03 -5.51
N PHE B 270 9.84 -38.80 -5.07
CA PHE B 270 8.81 -37.92 -4.57
C PHE B 270 8.05 -37.27 -5.73
N GLN B 271 6.71 -37.40 -5.66
CA GLN B 271 5.77 -36.78 -6.59
C GLN B 271 4.63 -36.13 -5.82
N ASP B 272 4.22 -34.92 -6.23
CA ASP B 272 3.04 -34.28 -5.68
C ASP B 272 2.07 -33.99 -6.82
N ALA B 273 1.24 -32.94 -6.68
CA ALA B 273 0.18 -32.70 -7.67
C ALA B 273 0.72 -31.93 -8.89
N LEU B 274 2.03 -31.64 -8.93
CA LEU B 274 2.54 -30.75 -9.98
C LEU B 274 2.18 -31.25 -11.38
N GLY B 275 2.27 -32.55 -11.63
CA GLY B 275 2.07 -33.12 -12.96
C GLY B 275 0.63 -33.06 -13.47
N GLN B 276 -0.34 -32.83 -12.59
CA GLN B 276 -1.76 -32.62 -12.90
C GLN B 276 -2.46 -33.95 -13.23
N ILE B 277 -1.86 -34.77 -14.08
CA ILE B 277 -2.40 -36.08 -14.37
C ILE B 277 -2.30 -36.89 -13.08
N PRO B 278 -3.21 -37.84 -12.83
CA PRO B 278 -3.06 -38.74 -11.69
C PRO B 278 -1.73 -39.50 -11.71
N ARG B 279 -1.08 -39.55 -10.52
CA ARG B 279 0.20 -40.23 -10.34
C ARG B 279 0.25 -40.86 -8.96
N ALA B 280 1.26 -41.70 -8.72
CA ALA B 280 1.59 -42.15 -7.39
C ALA B 280 2.06 -40.95 -6.55
N THR B 281 1.41 -40.71 -5.42
CA THR B 281 1.82 -39.66 -4.49
C THR B 281 1.64 -40.18 -3.08
N PRO B 282 2.50 -39.81 -2.12
CA PRO B 282 3.66 -38.94 -2.34
C PRO B 282 4.90 -39.61 -2.93
N LEU B 283 4.92 -40.95 -3.02
CA LEU B 283 6.12 -41.66 -3.42
C LEU B 283 5.84 -42.70 -4.50
N ALA B 284 6.71 -42.70 -5.51
CA ALA B 284 6.81 -43.77 -6.46
C ALA B 284 8.04 -44.61 -6.19
N SER B 285 7.97 -45.90 -6.52
CA SER B 285 9.14 -46.78 -6.48
C SER B 285 10.19 -46.28 -7.46
N TYR B 286 11.45 -46.22 -6.99
CA TYR B 286 12.60 -45.79 -7.78
C TYR B 286 13.22 -46.95 -8.55
N PHE B 287 13.28 -46.81 -9.88
CA PHE B 287 13.89 -47.79 -10.76
C PHE B 287 14.94 -47.09 -11.60
N PRO B 288 16.25 -47.33 -11.39
CA PRO B 288 17.26 -46.61 -12.14
C PRO B 288 17.06 -46.58 -13.66
N ALA B 289 16.65 -47.70 -14.26
CA ALA B 289 16.54 -47.76 -15.72
C ALA B 289 15.39 -46.92 -16.25
N LEU B 290 14.43 -46.58 -15.38
CA LEU B 290 13.33 -45.69 -15.73
C LEU B 290 13.71 -44.24 -15.38
N HIS B 291 14.14 -44.04 -14.14
CA HIS B 291 14.21 -42.70 -13.57
C HIS B 291 15.55 -41.98 -13.82
N ASP B 292 16.69 -42.67 -13.89
CA ASP B 292 17.96 -41.94 -13.86
C ASP B 292 18.08 -40.93 -14.99
N ARG B 293 17.57 -41.27 -16.19
CA ARG B 293 17.67 -40.40 -17.34
C ARG B 293 16.49 -39.43 -17.44
N MET B 294 15.81 -39.23 -16.31
N MET B 294 15.78 -39.18 -16.34
CA MET B 294 14.79 -38.21 -16.13
CA MET B 294 14.93 -38.00 -16.30
C MET B 294 15.20 -37.17 -15.09
C MET B 294 15.22 -37.12 -15.09
N ILE B 295 16.16 -37.54 -14.23
CA ILE B 295 16.52 -36.79 -13.02
C ILE B 295 18.03 -36.61 -12.91
N SER B 296 18.79 -36.69 -14.03
CA SER B 296 20.24 -36.50 -13.98
C SER B 296 20.57 -35.24 -13.17
N GLY B 297 21.52 -35.39 -12.25
CA GLY B 297 22.07 -34.26 -11.52
C GLY B 297 21.43 -34.02 -10.15
N LYS B 298 20.23 -34.55 -9.93
CA LYS B 298 19.50 -34.27 -8.69
C LYS B 298 20.05 -35.11 -7.53
N ILE B 299 20.39 -34.42 -6.45
CA ILE B 299 21.02 -35.06 -5.29
C ILE B 299 19.94 -35.51 -4.31
N PRO B 300 19.84 -36.83 -4.01
CA PRO B 300 18.78 -37.27 -3.07
C PRO B 300 18.84 -36.58 -1.72
N VAL B 301 17.67 -36.27 -1.18
CA VAL B 301 17.55 -35.74 0.16
C VAL B 301 16.37 -36.43 0.87
N LYS B 302 16.29 -36.22 2.19
CA LYS B 302 15.19 -36.79 2.95
C LYS B 302 13.89 -36.00 2.78
N ASP B 303 14.00 -34.67 2.77
CA ASP B 303 12.85 -33.78 2.75
C ASP B 303 13.04 -32.81 1.60
N TYR B 304 12.29 -33.02 0.50
CA TYR B 304 12.42 -32.19 -0.67
C TYR B 304 12.37 -30.70 -0.30
N PHE B 305 11.43 -30.31 0.56
CA PHE B 305 11.21 -28.90 0.82
C PHE B 305 12.30 -28.31 1.72
N ALA B 306 12.60 -28.99 2.84
CA ALA B 306 13.54 -28.44 3.81
C ALA B 306 14.99 -28.59 3.36
N ASP B 307 15.31 -29.69 2.65
CA ASP B 307 16.69 -30.05 2.38
C ASP B 307 17.14 -29.60 0.97
N TYR B 308 16.21 -29.12 0.13
CA TYR B 308 16.54 -28.77 -1.24
C TYR B 308 15.83 -27.48 -1.68
N MET B 309 14.48 -27.41 -1.55
N MET B 309 14.49 -27.43 -1.61
CA MET B 309 13.75 -26.28 -2.10
CA MET B 309 13.79 -26.27 -2.12
C MET B 309 14.13 -24.97 -1.38
C MET B 309 14.17 -24.98 -1.37
N ILE B 310 14.01 -24.96 -0.04
CA ILE B 310 14.27 -23.76 0.75
C ILE B 310 15.73 -23.34 0.56
N PRO B 311 16.75 -24.20 0.77
CA PRO B 311 18.12 -23.72 0.64
C PRO B 311 18.51 -23.26 -0.76
N SER B 312 17.92 -23.88 -1.79
N SER B 312 17.91 -23.90 -1.79
CA SER B 312 18.25 -23.47 -3.15
CA SER B 312 18.14 -23.53 -3.17
C SER B 312 17.62 -22.11 -3.47
C SER B 312 17.62 -22.12 -3.45
N PHE B 313 16.40 -21.86 -2.99
CA PHE B 313 15.77 -20.54 -3.08
C PHE B 313 16.67 -19.52 -2.41
N LYS B 314 17.08 -19.83 -1.16
CA LYS B 314 17.89 -18.90 -0.38
C LYS B 314 19.21 -18.61 -1.09
N GLU B 315 19.86 -19.65 -1.65
CA GLU B 315 21.12 -19.53 -2.37
C GLU B 315 21.01 -18.50 -3.48
N ALA B 316 20.00 -18.67 -4.33
CA ALA B 316 19.82 -17.80 -5.47
C ALA B 316 19.52 -16.37 -5.04
N VAL B 317 18.65 -16.19 -4.04
CA VAL B 317 18.33 -14.85 -3.56
C VAL B 317 19.59 -14.17 -3.03
N ASP B 318 20.36 -14.88 -2.21
CA ASP B 318 21.56 -14.33 -1.58
C ASP B 318 22.62 -13.98 -2.60
N LYS B 319 22.82 -14.85 -3.59
CA LYS B 319 23.90 -14.67 -4.55
C LYS B 319 23.57 -13.59 -5.58
N TYR B 320 22.30 -13.53 -6.06
CA TYR B 320 21.98 -12.74 -7.24
C TYR B 320 21.10 -11.51 -6.93
N ASP B 321 20.51 -11.45 -5.72
CA ASP B 321 19.82 -10.27 -5.25
C ASP B 321 18.74 -9.81 -6.23
N PRO B 322 17.80 -10.69 -6.62
CA PRO B 322 16.72 -10.31 -7.52
C PRO B 322 15.75 -9.28 -6.91
N ASP B 323 15.08 -8.52 -7.79
CA ASP B 323 14.08 -7.54 -7.41
C ASP B 323 12.67 -8.14 -7.29
N LEU B 324 12.48 -9.34 -7.86
CA LEU B 324 11.15 -9.92 -8.04
C LEU B 324 11.30 -11.44 -7.94
N VAL B 325 10.35 -12.07 -7.23
CA VAL B 325 10.23 -13.52 -7.19
C VAL B 325 8.96 -13.90 -7.93
N TRP B 326 9.12 -14.77 -8.94
CA TRP B 326 8.03 -15.29 -9.74
C TRP B 326 7.94 -16.77 -9.43
N TYR B 327 7.18 -17.09 -8.36
CA TYR B 327 6.94 -18.48 -8.07
C TYR B 327 6.16 -19.12 -9.22
N ASP B 328 6.30 -20.43 -9.38
CA ASP B 328 5.41 -21.19 -10.23
C ASP B 328 5.36 -22.62 -9.72
N GLY B 329 4.43 -23.42 -10.26
CA GLY B 329 4.35 -24.81 -9.79
C GLY B 329 4.07 -24.91 -8.31
N GLY B 330 3.32 -23.92 -7.77
CA GLY B 330 2.92 -23.89 -6.35
C GLY B 330 1.68 -24.73 -6.07
N TRP B 331 1.10 -25.33 -7.11
CA TRP B 331 -0.04 -26.22 -6.98
C TRP B 331 0.40 -27.64 -6.64
N GLY B 332 1.72 -27.89 -6.57
CA GLY B 332 2.19 -29.23 -6.25
C GLY B 332 1.77 -29.70 -4.85
N SER B 333 2.01 -28.81 -3.88
CA SER B 333 1.75 -29.06 -2.46
C SER B 333 1.21 -27.76 -1.85
N PRO B 334 0.32 -27.85 -0.85
CA PRO B 334 -0.12 -26.65 -0.15
C PRO B 334 1.04 -26.04 0.64
N VAL B 335 0.95 -24.75 0.97
CA VAL B 335 2.08 -24.05 1.60
C VAL B 335 2.35 -24.57 3.02
N SER B 336 1.38 -25.23 3.67
CA SER B 336 1.64 -25.89 4.94
C SER B 336 2.77 -26.91 4.82
N ILE B 337 2.89 -27.51 3.64
CA ILE B 337 3.92 -28.51 3.34
C ILE B 337 5.11 -27.89 2.61
N SER B 338 4.85 -27.06 1.60
CA SER B 338 5.95 -26.54 0.78
C SER B 338 6.76 -25.47 1.52
N ARG B 339 6.15 -24.80 2.52
CA ARG B 339 6.84 -23.83 3.38
C ARG B 339 7.21 -22.55 2.64
N THR B 340 6.46 -22.22 1.58
CA THR B 340 6.78 -21.03 0.81
C THR B 340 6.41 -19.72 1.52
N MET B 341 5.66 -19.75 2.62
CA MET B 341 5.54 -18.52 3.41
C MET B 341 6.88 -18.13 4.04
N GLU B 342 7.74 -19.12 4.30
CA GLU B 342 9.05 -18.89 4.89
C GLU B 342 10.02 -18.29 3.87
N THR B 343 10.02 -18.81 2.64
CA THR B 343 10.82 -18.23 1.57
C THR B 343 10.33 -16.81 1.22
N SER B 344 9.02 -16.58 1.20
CA SER B 344 8.50 -15.24 0.94
C SER B 344 8.92 -14.24 2.03
N ALA B 345 8.72 -14.60 3.32
CA ALA B 345 9.12 -13.72 4.40
C ALA B 345 10.61 -13.43 4.31
N TYR B 346 11.40 -14.46 4.03
CA TYR B 346 12.85 -14.29 3.92
C TYR B 346 13.20 -13.30 2.81
N PHE B 347 12.60 -13.49 1.62
CA PHE B 347 12.87 -12.59 0.51
C PHE B 347 12.59 -11.13 0.90
N TYR B 348 11.45 -10.85 1.51
CA TYR B 348 11.16 -9.49 1.96
C TYR B 348 12.16 -9.03 3.02
N ASN B 349 12.44 -9.89 4.01
CA ASN B 349 13.29 -9.49 5.12
C ASN B 349 14.71 -9.14 4.69
N GLN B 350 15.29 -9.93 3.78
CA GLN B 350 16.66 -9.66 3.34
C GLN B 350 16.72 -8.42 2.46
N ALA B 351 15.59 -7.98 1.90
CA ALA B 351 15.57 -6.79 1.08
C ALA B 351 15.28 -5.54 1.91
N GLU B 352 14.68 -5.72 3.08
CA GLU B 352 14.14 -4.60 3.83
C GLU B 352 15.25 -3.60 4.13
N GLY B 353 15.04 -2.33 3.76
CA GLY B 353 16.06 -1.30 3.99
C GLY B 353 17.13 -1.22 2.90
N LYS B 354 17.07 -2.15 1.91
CA LYS B 354 18.06 -2.21 0.83
C LYS B 354 17.41 -1.88 -0.52
N LYS B 355 16.29 -2.53 -0.81
CA LYS B 355 15.58 -2.31 -2.06
C LYS B 355 14.12 -2.74 -1.88
N ASP B 356 13.25 -2.21 -2.76
CA ASP B 356 11.85 -2.56 -2.72
C ASP B 356 11.61 -3.69 -3.71
N VAL B 357 11.02 -4.77 -3.24
CA VAL B 357 10.92 -6.00 -4.01
C VAL B 357 9.47 -6.47 -4.07
N VAL B 358 9.17 -7.44 -4.93
CA VAL B 358 7.81 -7.87 -5.18
C VAL B 358 7.80 -9.38 -5.45
N ILE B 359 6.67 -10.01 -5.11
CA ILE B 359 6.41 -11.43 -5.32
C ILE B 359 5.08 -11.58 -6.05
N ASN B 360 5.03 -12.50 -7.02
CA ASN B 360 3.77 -12.83 -7.67
C ASN B 360 2.88 -13.63 -6.71
N ASN B 361 1.76 -14.19 -7.21
CA ASN B 361 0.78 -14.82 -6.34
C ASN B 361 0.77 -16.34 -6.46
N ARG B 362 1.94 -16.95 -6.77
CA ARG B 362 1.99 -18.36 -7.11
C ARG B 362 2.69 -19.22 -6.03
N ALA B 363 2.80 -18.72 -4.79
CA ALA B 363 3.47 -19.51 -3.74
C ALA B 363 2.74 -20.82 -3.42
N GLY B 364 1.43 -20.83 -3.59
CA GLY B 364 0.60 -21.98 -3.30
C GLY B 364 -0.62 -21.64 -2.43
N SER B 365 -1.34 -22.70 -2.08
CA SER B 365 -2.61 -22.62 -1.39
C SER B 365 -2.43 -22.59 0.13
N SER B 366 -3.28 -21.75 0.76
CA SER B 366 -3.40 -21.63 2.21
C SER B 366 -4.47 -22.57 2.76
N LEU B 367 -5.08 -23.42 1.92
CA LEU B 367 -6.17 -24.27 2.42
C LEU B 367 -5.63 -25.33 3.39
N SER B 368 -6.49 -25.71 4.34
CA SER B 368 -6.29 -26.86 5.21
C SER B 368 -6.46 -28.15 4.42
N GLU B 369 -5.97 -29.26 5.00
CA GLU B 369 -6.14 -30.57 4.40
C GLU B 369 -7.63 -30.85 4.19
N ASP B 370 -8.47 -30.44 5.15
CA ASP B 370 -9.91 -30.68 5.11
C ASP B 370 -10.56 -29.96 3.92
N ASP B 371 -10.13 -28.72 3.64
CA ASP B 371 -10.69 -27.95 2.55
C ASP B 371 -10.16 -28.48 1.21
N LEU B 372 -8.91 -28.98 1.18
CA LEU B 372 -8.36 -29.57 -0.02
C LEU B 372 -9.11 -30.85 -0.38
N ILE B 373 -9.51 -31.63 0.64
CA ILE B 373 -10.30 -32.83 0.44
C ILE B 373 -11.66 -32.45 -0.15
N LYS B 374 -12.30 -31.40 0.40
CA LYS B 374 -13.63 -30.98 -0.02
C LYS B 374 -13.60 -30.43 -1.45
N VAL B 375 -12.47 -29.85 -1.88
CA VAL B 375 -12.31 -29.37 -3.25
C VAL B 375 -12.27 -30.54 -4.22
N ARG B 376 -11.50 -31.59 -3.86
CA ARG B 376 -11.34 -32.78 -4.68
C ARG B 376 -12.70 -33.50 -4.84
N ASP B 377 -13.43 -33.66 -3.72
CA ASP B 377 -14.74 -34.31 -3.72
C ASP B 377 -15.69 -33.58 -4.65
N LEU B 378 -15.80 -32.26 -4.48
CA LEU B 378 -16.59 -31.39 -5.35
C LEU B 378 -15.82 -31.20 -6.67
N MET B 388 -14.14 -24.32 -7.13
CA MET B 388 -13.42 -23.12 -7.62
C MET B 388 -13.56 -21.99 -6.59
N LYS B 389 -14.76 -21.87 -6.01
CA LYS B 389 -15.03 -20.90 -4.97
C LYS B 389 -14.10 -21.13 -3.77
N ILE B 390 -14.01 -22.39 -3.32
CA ILE B 390 -13.19 -22.75 -2.16
C ILE B 390 -11.72 -22.58 -2.52
N TYR B 391 -11.33 -23.04 -3.72
CA TYR B 391 -9.95 -22.94 -4.21
C TYR B 391 -9.46 -21.49 -4.15
N LEU B 392 -10.24 -20.54 -4.69
CA LEU B 392 -9.86 -19.13 -4.71
C LEU B 392 -9.75 -18.57 -3.30
N SER B 393 -10.60 -19.01 -2.36
CA SER B 393 -10.52 -18.56 -0.99
C SER B 393 -9.18 -18.93 -0.35
N GLY B 394 -8.51 -19.96 -0.86
CA GLY B 394 -7.21 -20.36 -0.32
C GLY B 394 -6.01 -19.73 -1.04
N GLN B 395 -6.27 -18.84 -2.01
CA GLN B 395 -5.20 -18.15 -2.72
C GLN B 395 -5.05 -16.77 -2.08
N GLN B 396 -4.09 -16.69 -1.14
CA GLN B 396 -4.01 -15.56 -0.23
C GLN B 396 -2.61 -14.96 -0.15
N LEU B 397 -1.66 -15.48 -0.94
CA LEU B 397 -0.26 -15.05 -0.84
C LEU B 397 0.18 -14.39 -2.14
N GLY B 398 0.84 -13.24 -2.01
CA GLY B 398 1.50 -12.59 -3.15
C GLY B 398 1.08 -11.14 -3.27
N ASP B 399 1.84 -10.39 -4.08
CA ASP B 399 1.62 -8.96 -4.24
C ASP B 399 0.74 -8.61 -5.45
N TYR B 400 0.67 -9.51 -6.44
CA TYR B 400 -0.08 -9.20 -7.67
C TYR B 400 -0.55 -10.48 -8.35
N GLY B 401 -1.60 -10.34 -9.18
CA GLY B 401 -2.21 -11.45 -9.90
C GLY B 401 -1.48 -11.77 -11.20
N THR B 402 -1.57 -13.04 -11.64
CA THR B 402 -0.82 -13.53 -12.79
C THR B 402 -1.72 -14.29 -13.76
N PRO B 403 -2.75 -13.65 -14.36
CA PRO B 403 -3.50 -14.32 -15.43
C PRO B 403 -2.55 -14.77 -16.55
N GLU B 404 -2.78 -15.96 -17.07
CA GLU B 404 -1.89 -16.63 -18.00
C GLU B 404 -2.61 -16.82 -19.33
N PHE B 405 -2.11 -16.12 -20.36
CA PHE B 405 -2.64 -16.12 -21.72
C PHE B 405 -4.01 -15.45 -21.82
N THR B 406 -5.04 -16.04 -21.19
CA THR B 406 -6.38 -15.45 -21.09
C THR B 406 -6.39 -14.44 -19.95
N ILE B 407 -6.69 -13.17 -20.27
CA ILE B 407 -6.75 -12.12 -19.26
C ILE B 407 -7.97 -12.33 -18.38
N GLY B 408 -9.13 -12.53 -19.00
CA GLY B 408 -10.36 -12.78 -18.25
C GLY B 408 -10.84 -11.52 -17.51
N ASP B 409 -11.61 -11.77 -16.45
CA ASP B 409 -12.32 -10.71 -15.74
C ASP B 409 -11.43 -10.20 -14.60
N VAL B 410 -10.38 -9.44 -14.96
CA VAL B 410 -9.42 -8.94 -14.00
C VAL B 410 -10.03 -7.81 -13.18
N ASP B 411 -9.63 -7.76 -11.91
CA ASP B 411 -9.88 -6.62 -11.06
C ASP B 411 -8.87 -5.53 -11.39
N ILE B 412 -9.34 -4.42 -11.98
CA ILE B 412 -8.43 -3.36 -12.43
C ILE B 412 -8.05 -2.42 -11.27
N GLN B 413 -8.69 -2.60 -10.10
CA GLN B 413 -8.36 -1.85 -8.90
C GLN B 413 -7.10 -2.43 -8.22
N SER B 414 -6.74 -3.67 -8.52
CA SER B 414 -5.53 -4.23 -7.93
C SER B 414 -4.52 -4.48 -9.04
N LYS B 415 -3.28 -4.76 -8.65
CA LYS B 415 -2.23 -4.90 -9.66
C LYS B 415 -2.25 -6.33 -10.19
N TRP B 416 -2.12 -6.43 -11.53
CA TRP B 416 -2.08 -7.71 -12.20
C TRP B 416 -1.09 -7.65 -13.35
N GLU B 417 -0.71 -8.85 -13.82
CA GLU B 417 0.28 -9.03 -14.85
C GLU B 417 -0.13 -10.22 -15.69
N VAL B 418 -0.32 -10.04 -17.00
CA VAL B 418 -0.60 -11.16 -17.87
C VAL B 418 0.68 -11.65 -18.54
N CYS B 419 0.89 -12.96 -18.50
CA CYS B 419 2.01 -13.59 -19.18
C CYS B 419 1.54 -14.32 -20.43
N ARG B 420 2.27 -14.09 -21.52
CA ARG B 420 1.99 -14.77 -22.79
C ARG B 420 3.11 -14.45 -23.77
N SER B 421 3.26 -15.32 -24.77
N SER B 421 3.27 -15.35 -24.75
CA SER B 421 4.14 -15.03 -25.91
CA SER B 421 4.12 -15.13 -25.92
C SER B 421 3.31 -14.39 -27.01
C SER B 421 3.31 -14.41 -27.00
N ILE B 422 3.91 -14.21 -28.19
CA ILE B 422 3.15 -13.66 -29.30
C ILE B 422 2.23 -14.73 -29.93
N SER B 423 2.38 -16.00 -29.57
CA SER B 423 1.47 -17.04 -29.99
C SER B 423 0.84 -17.66 -28.75
N PRO B 424 0.01 -18.72 -28.85
CA PRO B 424 -0.38 -19.45 -27.63
C PRO B 424 0.75 -20.18 -26.90
N ALA B 425 1.90 -20.35 -27.56
CA ALA B 425 2.93 -21.28 -27.10
C ALA B 425 3.81 -20.65 -26.02
N PHE B 426 3.88 -21.33 -24.86
CA PHE B 426 4.85 -21.03 -23.83
C PHE B 426 6.05 -21.96 -24.05
N GLY B 427 7.18 -21.38 -24.53
CA GLY B 427 8.28 -22.16 -25.02
C GLY B 427 8.30 -22.19 -26.55
N TYR B 428 9.49 -22.43 -27.11
CA TYR B 428 9.67 -22.39 -28.56
C TYR B 428 8.82 -23.47 -29.20
N ASN B 429 8.09 -23.07 -30.26
CA ASN B 429 7.43 -24.00 -31.16
C ASN B 429 7.97 -23.77 -32.56
N TRP B 430 8.69 -24.75 -33.10
CA TRP B 430 9.32 -24.61 -34.42
C TRP B 430 8.27 -24.34 -35.49
N GLN B 431 7.01 -24.71 -35.23
CA GLN B 431 5.93 -24.53 -36.19
C GLN B 431 5.34 -23.12 -36.15
N ASP B 432 5.63 -22.34 -35.09
CA ASP B 432 5.00 -21.03 -34.97
C ASP B 432 5.39 -20.15 -36.15
N ASP B 433 4.38 -19.42 -36.63
CA ASP B 433 4.48 -18.70 -37.89
C ASP B 433 3.51 -17.53 -37.90
N GLU B 434 3.39 -16.87 -39.07
CA GLU B 434 2.53 -15.70 -39.16
C GLU B 434 1.07 -16.04 -38.84
N ALA B 435 0.61 -17.23 -39.26
CA ALA B 435 -0.75 -17.62 -39.01
C ALA B 435 -1.02 -17.87 -37.53
N SER B 436 0.01 -18.30 -36.77
CA SER B 436 -0.20 -18.68 -35.37
C SER B 436 0.09 -17.56 -34.37
N SER B 437 0.72 -16.47 -34.82
CA SER B 437 1.30 -15.46 -33.94
C SER B 437 0.60 -14.12 -34.16
N LEU B 438 0.39 -13.36 -33.07
CA LEU B 438 -0.06 -11.98 -33.16
C LEU B 438 0.90 -11.20 -34.05
N SER B 439 0.36 -10.32 -34.90
CA SER B 439 1.17 -9.33 -35.57
C SER B 439 1.73 -8.31 -34.57
N GLY B 440 2.74 -7.52 -34.99
CA GLY B 440 3.21 -6.41 -34.18
C GLY B 440 2.07 -5.45 -33.85
N GLU B 441 1.20 -5.20 -34.85
CA GLU B 441 0.04 -4.34 -34.68
C GLU B 441 -0.88 -4.83 -33.54
N GLU B 442 -1.21 -6.13 -33.59
CA GLU B 442 -2.11 -6.73 -32.62
C GLU B 442 -1.45 -6.71 -31.23
N LEU B 443 -0.14 -6.98 -31.19
CA LEU B 443 0.58 -6.95 -29.93
C LEU B 443 0.54 -5.58 -29.27
N ILE B 444 0.83 -4.53 -30.06
CA ILE B 444 0.84 -3.19 -29.52
C ILE B 444 -0.53 -2.78 -29.02
N LYS B 445 -1.60 -3.08 -29.77
CA LYS B 445 -2.94 -2.73 -29.35
C LYS B 445 -3.33 -3.47 -28.08
N LEU B 446 -2.98 -4.76 -27.98
CA LEU B 446 -3.27 -5.52 -26.77
C LEU B 446 -2.52 -4.93 -25.58
N PHE B 447 -1.24 -4.60 -25.78
CA PHE B 447 -0.41 -4.00 -24.75
C PHE B 447 -1.02 -2.71 -24.20
N VAL B 448 -1.45 -1.80 -25.09
CA VAL B 448 -2.09 -0.57 -24.68
C VAL B 448 -3.34 -0.85 -23.84
N ASP B 449 -4.17 -1.81 -24.25
CA ASP B 449 -5.36 -2.21 -23.52
C ASP B 449 -4.98 -2.69 -22.11
N ILE B 450 -3.98 -3.57 -22.03
CA ILE B 450 -3.47 -4.06 -20.75
C ILE B 450 -3.10 -2.88 -19.85
N VAL B 451 -2.29 -1.95 -20.36
CA VAL B 451 -1.76 -0.88 -19.54
C VAL B 451 -2.87 0.09 -19.09
N ALA B 452 -3.83 0.39 -19.96
CA ALA B 452 -4.95 1.24 -19.58
C ALA B 452 -5.78 0.61 -18.46
N ASN B 453 -5.77 -0.73 -18.36
CA ASN B 453 -6.55 -1.48 -17.38
C ASN B 453 -5.71 -1.91 -16.18
N ASN B 454 -4.59 -1.23 -15.94
CA ASN B 454 -3.75 -1.37 -14.75
C ASN B 454 -2.85 -2.61 -14.79
N GLY B 455 -2.79 -3.30 -15.92
CA GLY B 455 -1.95 -4.48 -16.04
C GLY B 455 -0.51 -4.15 -16.40
N ASN B 456 0.40 -5.09 -16.09
CA ASN B 456 1.65 -5.24 -16.81
C ASN B 456 1.51 -6.40 -17.79
N LEU B 457 2.25 -6.31 -18.91
CA LEU B 457 2.47 -7.44 -19.80
C LEU B 457 3.86 -8.01 -19.50
N LEU B 458 3.89 -9.30 -19.11
CA LEU B 458 5.11 -10.05 -19.00
C LEU B 458 5.22 -10.90 -20.26
N LEU B 459 5.93 -10.34 -21.24
CA LEU B 459 5.99 -10.89 -22.59
C LEU B 459 7.02 -12.02 -22.64
N VAL B 460 6.50 -13.20 -22.94
CA VAL B 460 7.33 -14.39 -23.10
C VAL B 460 8.04 -14.36 -24.45
N ILE B 461 9.37 -14.57 -24.40
CA ILE B 461 10.17 -14.83 -25.58
C ILE B 461 10.83 -16.19 -25.39
N SER B 462 10.87 -16.97 -26.50
CA SER B 462 11.14 -18.38 -26.48
C SER B 462 12.24 -18.71 -27.48
N PRO B 463 13.53 -18.80 -27.05
CA PRO B 463 14.60 -19.22 -27.96
C PRO B 463 14.61 -20.71 -28.26
N ASP B 464 15.35 -21.11 -29.30
CA ASP B 464 15.58 -22.52 -29.57
C ASP B 464 16.71 -23.06 -28.69
N GLY B 465 17.05 -24.34 -28.89
CA GLY B 465 18.02 -25.01 -28.03
C GLY B 465 19.39 -24.33 -28.05
N SER B 466 19.76 -23.71 -29.18
CA SER B 466 21.06 -23.04 -29.28
C SER B 466 21.03 -21.69 -28.58
N GLY B 467 19.83 -21.16 -28.28
CA GLY B 467 19.69 -19.87 -27.65
C GLY B 467 19.34 -18.77 -28.64
N LYS B 468 19.04 -19.13 -29.88
CA LYS B 468 18.68 -18.18 -30.91
C LYS B 468 17.19 -17.86 -30.80
N LEU B 469 16.84 -16.57 -30.94
CA LEU B 469 15.44 -16.22 -30.96
C LEU B 469 14.90 -16.30 -32.39
N PRO B 470 13.78 -16.99 -32.62
CA PRO B 470 13.13 -17.02 -33.93
C PRO B 470 12.91 -15.63 -34.51
N ASP B 471 13.09 -15.50 -35.82
CA ASP B 471 12.98 -14.22 -36.49
C ASP B 471 11.59 -13.62 -36.31
N ILE B 472 10.53 -14.45 -36.23
CA ILE B 472 9.20 -13.90 -36.07
C ILE B 472 9.06 -13.16 -34.73
N GLN B 473 9.67 -13.72 -33.67
CA GLN B 473 9.65 -13.06 -32.38
C GLN B 473 10.47 -11.78 -32.40
N LYS B 474 11.63 -11.82 -33.08
CA LYS B 474 12.44 -10.63 -33.26
C LYS B 474 11.64 -9.55 -33.97
N ASP B 475 10.88 -9.93 -34.99
CA ASP B 475 10.08 -8.94 -35.73
C ASP B 475 9.07 -8.23 -34.84
N ARG B 476 8.38 -8.99 -33.98
CA ARG B 476 7.37 -8.39 -33.09
C ARG B 476 8.05 -7.48 -32.07
N LEU B 477 9.21 -7.88 -31.56
CA LEU B 477 9.96 -7.02 -30.63
C LEU B 477 10.46 -5.76 -31.32
N LEU B 478 10.85 -5.85 -32.59
N LEU B 478 10.81 -5.87 -32.61
CA LEU B 478 11.29 -4.68 -33.34
CA LEU B 478 11.27 -4.75 -33.41
C LEU B 478 10.15 -3.66 -33.42
C LEU B 478 10.16 -3.69 -33.46
N GLU B 479 8.95 -4.15 -33.74
CA GLU B 479 7.79 -3.27 -33.91
C GLU B 479 7.40 -2.67 -32.55
N LEU B 480 7.39 -3.50 -31.49
CA LEU B 480 7.06 -2.98 -30.15
C LEU B 480 8.07 -1.95 -29.71
N GLY B 481 9.37 -2.24 -29.89
CA GLY B 481 10.40 -1.30 -29.47
C GLY B 481 10.38 -0.01 -30.27
N ASP B 482 10.12 -0.11 -31.59
CA ASP B 482 10.02 1.11 -32.39
C ASP B 482 8.82 1.95 -31.94
N TRP B 483 7.73 1.29 -31.58
CA TRP B 483 6.56 2.00 -31.09
C TRP B 483 6.85 2.67 -29.75
N MET B 484 7.54 1.94 -28.86
CA MET B 484 7.84 2.46 -27.54
C MET B 484 8.81 3.64 -27.60
N LYS B 485 9.73 3.67 -28.58
N LYS B 485 9.74 3.65 -28.55
CA LYS B 485 10.67 4.78 -28.68
CA LYS B 485 10.65 4.76 -28.67
C LYS B 485 9.93 6.10 -28.83
C LYS B 485 9.86 6.08 -28.73
N VAL B 486 8.79 6.08 -29.54
CA VAL B 486 7.93 7.25 -29.69
C VAL B 486 6.97 7.43 -28.50
N ASN B 487 6.37 6.33 -28.04
CA ASN B 487 5.16 6.38 -27.22
C ASN B 487 5.39 6.02 -25.74
N ALA B 488 6.61 5.64 -25.33
CA ALA B 488 6.79 5.07 -23.99
C ALA B 488 6.39 6.01 -22.85
N GLU B 489 6.46 7.33 -23.01
CA GLU B 489 6.12 8.24 -21.92
C GLU B 489 4.64 8.11 -21.56
N SER B 490 3.81 7.60 -22.49
CA SER B 490 2.38 7.40 -22.29
C SER B 490 2.07 6.05 -21.66
N ILE B 491 3.12 5.27 -21.35
CA ILE B 491 2.99 3.90 -20.87
C ILE B 491 3.71 3.80 -19.52
N HIS B 492 5.04 3.90 -19.54
CA HIS B 492 5.81 3.88 -18.30
C HIS B 492 5.31 4.97 -17.35
N ASN B 493 5.23 4.63 -16.05
CA ASN B 493 4.98 5.58 -14.98
C ASN B 493 3.56 6.16 -15.06
N THR B 494 2.65 5.48 -15.77
CA THR B 494 1.28 5.94 -15.86
C THR B 494 0.38 5.10 -14.96
N ARG B 495 -0.87 5.58 -14.85
CA ARG B 495 -1.92 4.94 -14.10
C ARG B 495 -3.18 4.97 -14.93
N PRO B 496 -4.16 4.09 -14.65
CA PRO B 496 -5.47 4.17 -15.28
C PRO B 496 -6.13 5.53 -15.03
N TRP B 497 -6.93 5.96 -16.00
CA TRP B 497 -7.74 7.18 -15.84
C TRP B 497 -9.13 6.77 -15.35
N LYS B 498 -10.00 7.78 -15.13
CA LYS B 498 -11.36 7.57 -14.67
C LYS B 498 -12.19 6.76 -15.66
N VAL B 499 -11.81 6.82 -16.95
CA VAL B 499 -12.35 6.00 -18.01
C VAL B 499 -11.15 5.33 -18.70
N GLN B 500 -11.29 4.05 -19.05
CA GLN B 500 -10.19 3.30 -19.63
C GLN B 500 -10.27 3.33 -21.16
N LYS B 501 -11.50 3.32 -21.69
CA LYS B 501 -11.73 3.10 -23.12
C LYS B 501 -12.91 3.97 -23.58
N GLU B 502 -12.72 4.65 -24.71
CA GLU B 502 -13.79 5.37 -25.39
C GLU B 502 -13.72 5.01 -26.86
N ASN B 503 -14.61 4.11 -27.31
CA ASN B 503 -14.57 3.62 -28.67
C ASN B 503 -13.18 3.01 -28.93
N ASP B 504 -12.45 3.55 -29.89
CA ASP B 504 -11.16 3.01 -30.29
C ASP B 504 -10.02 3.62 -29.47
N LYS B 505 -10.32 4.38 -28.42
CA LYS B 505 -9.32 5.15 -27.68
C LYS B 505 -9.12 4.56 -26.28
N PHE B 506 -7.86 4.40 -25.87
CA PHE B 506 -7.50 3.94 -24.54
C PHE B 506 -6.75 5.05 -23.81
N PHE B 507 -7.07 5.28 -22.54
CA PHE B 507 -6.50 6.36 -21.79
C PHE B 507 -5.51 5.86 -20.73
N THR B 508 -4.45 6.64 -20.53
CA THR B 508 -3.64 6.56 -19.32
C THR B 508 -3.39 7.97 -18.83
N LYS B 509 -3.01 8.11 -17.57
CA LYS B 509 -2.62 9.40 -17.05
C LYS B 509 -1.24 9.30 -16.40
N SER B 510 -0.50 10.41 -16.43
CA SER B 510 0.76 10.49 -15.70
C SER B 510 0.46 10.33 -14.21
N LYS B 511 1.43 9.81 -13.46
CA LYS B 511 1.19 9.53 -12.05
C LYS B 511 0.92 10.84 -11.30
N ASP B 512 1.51 11.98 -11.74
CA ASP B 512 1.26 13.27 -11.12
C ASP B 512 -0.09 13.88 -11.52
N GLY B 513 -0.80 13.29 -12.48
CA GLY B 513 -2.14 13.72 -12.86
C GLY B 513 -2.17 14.86 -13.87
N LYS B 514 -1.00 15.36 -14.31
CA LYS B 514 -0.90 16.57 -15.12
C LYS B 514 -0.94 16.27 -16.64
N SER B 515 -0.86 14.99 -17.03
CA SER B 515 -0.88 14.61 -18.45
C SER B 515 -1.88 13.47 -18.64
N LEU B 516 -2.77 13.64 -19.63
CA LEU B 516 -3.67 12.60 -20.08
C LEU B 516 -3.21 12.14 -21.46
N PHE B 517 -3.12 10.82 -21.62
CA PHE B 517 -2.66 10.24 -22.87
C PHE B 517 -3.83 9.50 -23.51
N VAL B 518 -4.11 9.86 -24.77
CA VAL B 518 -5.20 9.29 -25.52
C VAL B 518 -4.60 8.43 -26.63
N HIS B 519 -4.71 7.11 -26.47
CA HIS B 519 -4.13 6.16 -27.41
C HIS B 519 -5.21 5.78 -28.41
N CYS B 520 -5.08 6.29 -29.65
CA CYS B 520 -6.05 6.03 -30.71
C CYS B 520 -5.61 4.81 -31.51
N THR B 521 -6.43 3.74 -31.51
CA THR B 521 -6.09 2.52 -32.22
C THR B 521 -6.54 2.56 -33.69
N ASN B 522 -7.28 3.62 -34.05
CA ASN B 522 -7.49 4.01 -35.45
C ASN B 522 -7.04 5.45 -35.62
N TRP B 523 -6.44 5.77 -36.77
CA TRP B 523 -6.06 7.13 -37.04
C TRP B 523 -7.31 8.01 -37.05
N PRO B 524 -7.40 9.09 -36.26
CA PRO B 524 -8.63 9.88 -36.18
C PRO B 524 -8.99 10.68 -37.44
N GLY B 525 -8.05 10.85 -38.36
CA GLY B 525 -8.28 11.61 -39.59
C GLY B 525 -8.12 13.12 -39.35
N GLU B 526 -9.10 13.88 -39.85
CA GLU B 526 -9.00 15.31 -39.92
C GLU B 526 -9.22 15.96 -38.55
N ASN B 527 -9.97 15.26 -37.67
CA ASN B 527 -10.26 15.77 -36.35
C ASN B 527 -10.21 14.64 -35.32
N LEU B 528 -9.64 14.95 -34.16
CA LEU B 528 -9.75 14.07 -33.00
C LEU B 528 -10.79 14.68 -32.07
N ILE B 529 -11.85 13.90 -31.82
CA ILE B 529 -12.94 14.31 -30.95
C ILE B 529 -12.95 13.36 -29.76
N ILE B 530 -12.93 13.94 -28.56
CA ILE B 530 -12.98 13.19 -27.30
C ILE B 530 -14.29 13.51 -26.58
N ASN B 531 -15.14 12.48 -26.41
CA ASN B 531 -16.47 12.59 -25.80
C ASN B 531 -16.39 12.61 -24.28
N THR B 532 -15.46 11.83 -23.71
CA THR B 532 -15.35 11.77 -22.26
C THR B 532 -15.05 13.16 -21.73
N PRO B 533 -15.83 13.68 -20.73
CA PRO B 533 -15.54 14.99 -20.16
C PRO B 533 -14.16 15.11 -19.52
N ILE B 534 -13.50 16.24 -19.79
CA ILE B 534 -12.25 16.60 -19.16
C ILE B 534 -12.51 17.88 -18.35
N GLU B 535 -12.42 17.73 -17.02
CA GLU B 535 -12.85 18.77 -16.08
C GLU B 535 -11.81 19.88 -16.03
N GLU B 536 -10.53 19.50 -16.14
CA GLU B 536 -9.42 20.42 -15.92
C GLU B 536 -9.22 21.25 -17.18
N GLY B 537 -8.64 22.45 -17.01
CA GLY B 537 -8.24 23.26 -18.15
C GLY B 537 -7.10 22.59 -18.92
N ILE B 538 -7.02 22.86 -20.23
CA ILE B 538 -6.00 22.25 -21.08
C ILE B 538 -4.94 23.30 -21.43
N LYS B 539 -3.67 22.95 -21.17
CA LYS B 539 -2.52 23.81 -21.39
C LYS B 539 -1.97 23.63 -22.81
N GLY B 540 -1.97 22.40 -23.33
CA GLY B 540 -1.42 22.12 -24.65
C GLY B 540 -1.70 20.67 -25.05
N ILE B 541 -1.61 20.39 -26.36
CA ILE B 541 -1.83 19.08 -26.92
C ILE B 541 -0.81 18.80 -28.02
N LYS B 542 -0.26 17.58 -28.02
CA LYS B 542 0.68 17.13 -29.03
C LYS B 542 0.40 15.66 -29.36
N LEU B 543 0.68 15.29 -30.62
CA LEU B 543 0.79 13.89 -31.02
C LEU B 543 2.21 13.43 -30.72
N LEU B 544 2.39 12.39 -29.88
CA LEU B 544 3.73 11.88 -29.62
C LEU B 544 4.32 11.43 -30.95
N GLY B 545 5.56 11.89 -31.21
CA GLY B 545 6.24 11.63 -32.46
C GLY B 545 6.35 12.89 -33.32
N SER B 546 5.61 13.95 -32.91
N SER B 546 5.70 13.96 -32.86
CA SER B 546 5.65 15.25 -33.58
CA SER B 546 5.73 15.23 -33.57
C SER B 546 5.69 16.38 -32.56
C SER B 546 6.00 16.35 -32.57
N ASP B 547 6.45 17.44 -32.89
N ASP B 547 6.47 17.49 -33.07
CA ASP B 547 6.64 18.57 -32.01
CA ASP B 547 6.73 18.62 -32.20
C ASP B 547 5.53 19.62 -32.18
C ASP B 547 5.71 19.73 -32.46
N ILE B 548 4.58 19.39 -33.10
CA ILE B 548 3.57 20.40 -33.44
C ILE B 548 2.58 20.56 -32.28
N ASN B 549 2.35 21.81 -31.84
CA ASN B 549 1.33 22.10 -30.83
C ASN B 549 -0.02 22.15 -31.55
N LEU B 550 -0.98 21.36 -31.05
CA LEU B 550 -2.28 21.22 -31.67
C LEU B 550 -3.26 22.15 -30.96
N GLN B 551 -4.01 22.92 -31.75
CA GLN B 551 -5.03 23.79 -31.18
C GLN B 551 -6.29 22.97 -30.96
N PHE B 552 -7.20 23.50 -30.15
CA PHE B 552 -8.40 22.77 -29.80
C PHE B 552 -9.52 23.76 -29.47
N THR B 553 -10.74 23.26 -29.53
CA THR B 553 -11.91 23.97 -29.04
C THR B 553 -12.76 22.97 -28.26
N LYS B 554 -13.57 23.51 -27.33
CA LYS B 554 -14.65 22.75 -26.71
C LYS B 554 -15.94 23.12 -27.40
N ALA B 555 -16.61 22.11 -27.99
CA ALA B 555 -17.97 22.25 -28.48
C ALA B 555 -18.91 22.51 -27.31
N SER B 556 -20.13 22.97 -27.63
CA SER B 556 -21.11 23.35 -26.61
C SER B 556 -21.60 22.12 -25.84
N ASN B 557 -21.61 20.95 -26.49
CA ASN B 557 -21.96 19.69 -25.84
C ASN B 557 -20.82 19.21 -24.93
N GLY B 558 -19.67 19.89 -24.96
CA GLY B 558 -18.56 19.64 -24.04
C GLY B 558 -17.40 18.88 -24.70
N ASN B 559 -17.66 18.24 -25.85
CA ASN B 559 -16.66 17.44 -26.56
C ASN B 559 -15.41 18.28 -26.83
N LEU B 560 -14.23 17.66 -26.73
CA LEU B 560 -12.97 18.28 -27.13
C LEU B 560 -12.73 18.00 -28.61
N GLU B 561 -12.49 19.07 -29.39
CA GLU B 561 -12.32 18.99 -30.84
C GLU B 561 -10.90 19.43 -31.14
N ILE B 562 -10.10 18.55 -31.77
CA ILE B 562 -8.68 18.81 -32.00
C ILE B 562 -8.39 18.62 -33.48
N PRO B 563 -8.34 19.71 -34.27
CA PRO B 563 -7.99 19.60 -35.69
C PRO B 563 -6.60 18.99 -35.84
N ILE B 564 -6.47 18.09 -36.81
CA ILE B 564 -5.22 17.39 -37.06
C ILE B 564 -4.61 17.96 -38.34
N PRO B 565 -3.34 18.43 -38.29
CA PRO B 565 -2.69 19.04 -39.45
C PRO B 565 -2.80 18.23 -40.74
N LYS B 566 -2.96 18.96 -41.85
CA LYS B 566 -3.07 18.35 -43.16
C LYS B 566 -1.82 17.51 -43.44
N ASP B 567 -0.66 17.96 -42.97
CA ASP B 567 0.59 17.30 -43.36
C ASP B 567 0.74 15.94 -42.68
N PHE B 568 -0.13 15.63 -41.69
CA PHE B 568 -0.15 14.30 -41.08
C PHE B 568 -1.03 13.28 -41.81
N GLN B 569 -1.90 13.71 -42.75
CA GLN B 569 -3.03 12.90 -43.15
C GLN B 569 -2.69 11.81 -44.16
N ASN B 570 -1.71 12.08 -45.01
CA ASN B 570 -1.37 11.17 -46.08
C ASN B 570 -0.71 9.91 -45.51
N ASN B 571 0.17 10.11 -44.53
CA ASN B 571 0.98 8.98 -44.06
C ASN B 571 1.24 9.12 -42.56
N PRO B 572 0.19 9.04 -41.73
CA PRO B 572 0.35 9.19 -40.28
C PRO B 572 1.22 8.08 -39.67
N SER B 573 1.29 6.93 -40.32
CA SER B 573 2.10 5.80 -39.83
C SER B 573 3.59 6.15 -39.76
N LEU B 574 4.03 7.17 -40.51
CA LEU B 574 5.40 7.62 -40.40
C LEU B 574 5.70 8.16 -39.00
N ILE B 575 4.70 8.76 -38.35
CA ILE B 575 4.88 9.41 -37.05
C ILE B 575 4.92 8.32 -35.97
N SER B 576 3.96 7.42 -36.06
CA SER B 576 3.78 6.29 -35.14
C SER B 576 2.95 5.25 -35.86
N LYS B 577 3.34 3.97 -35.77
CA LYS B 577 2.57 2.91 -36.41
C LYS B 577 1.48 2.41 -35.46
N TYR B 578 0.30 2.13 -36.03
CA TYR B 578 -0.75 1.29 -35.47
C TYR B 578 -1.60 2.00 -34.42
N VAL B 579 -0.94 2.66 -33.45
CA VAL B 579 -1.61 3.39 -32.40
C VAL B 579 -0.93 4.76 -32.29
N TRP B 580 -1.76 5.82 -32.30
CA TRP B 580 -1.31 7.19 -32.24
C TRP B 580 -1.67 7.76 -30.88
N THR B 581 -0.70 8.30 -30.16
CA THR B 581 -0.95 8.75 -28.80
C THR B 581 -0.86 10.27 -28.69
N PHE B 582 -1.95 10.88 -28.22
CA PHE B 582 -2.01 12.31 -28.03
C PHE B 582 -1.83 12.63 -26.55
N LYS B 583 -0.88 13.52 -26.25
CA LYS B 583 -0.61 13.96 -24.90
C LYS B 583 -1.34 15.26 -24.64
N ILE B 584 -2.25 15.23 -23.65
CA ILE B 584 -3.01 16.42 -23.26
C ILE B 584 -2.45 16.89 -21.92
N ASP B 585 -1.86 18.09 -21.93
CA ASP B 585 -1.29 18.68 -20.71
C ASP B 585 -2.39 19.45 -19.99
N LEU B 586 -2.54 19.18 -18.69
CA LEU B 586 -3.62 19.74 -17.88
C LEU B 586 -3.08 20.81 -16.93
N ASN B 587 -3.97 21.70 -16.51
CA ASN B 587 -3.68 22.68 -15.46
C ASN B 587 -3.88 22.04 -14.09
#